data_3RKP
#
_entry.id   3RKP
#
_cell.length_a   68.862
_cell.length_b   68.096
_cell.length_c   97.251
_cell.angle_alpha   90.00
_cell.angle_beta   107.73
_cell.angle_gamma   90.00
#
_symmetry.space_group_name_H-M   'P 1 21 1'
#
loop_
_entity.id
_entity.type
_entity.pdbx_description
1 polymer 'Collagen adhesion protein'
2 water water
#
_entity_poly.entity_id   1
_entity_poly.type   'polypeptide(L)'
_entity_poly.pdbx_seq_one_letter_code
;GSNEIKRGAVDLIKTGVNEKAMAGAVFSLFKKDGTEVKKELATDANGHIRVQGLEYGEYYFQETKAPKGYVIDPTKREFF
VKNSGTINEDGTITSGTVVKMEVKNNEEPTIDKKINGKLEALPINPLTNYNYDIKTLIPEDIKEYKKYVVTATLDNRLVI
QGKPIVKIDGAEVNANVVEVAIEGQKVTATVKDFTKMDGKKEFHLQIKSQVKEGVPSGSEILNTAKIHFTNKNDVIGEKE
SKPVVVIPTTGIIELTKIDSANKNKMKGAEFVLKDNNGKIVVVAGKEVTGVSDENGVIKWSNIPYGDYQIFETKAPTYTK
EDGTKTSYQLLKDPIDVKISENNQTVKLTIENNKS
;
_entity_poly.pdbx_strand_id   A,B
#
# COMPACT_ATOMS: atom_id res chain seq x y z
N LYS A 6 51.98 -33.21 20.25
CA LYS A 6 51.98 -31.96 19.50
C LYS A 6 50.57 -31.55 19.11
N ARG A 7 49.93 -30.74 19.97
CA ARG A 7 48.59 -30.26 19.71
C ARG A 7 48.44 -28.81 20.17
N GLY A 8 47.43 -28.12 19.66
CA GLY A 8 47.26 -26.70 19.94
C GLY A 8 45.91 -26.31 20.49
N ALA A 9 45.75 -25.01 20.75
CA ALA A 9 44.52 -24.50 21.33
C ALA A 9 44.10 -23.18 20.69
N VAL A 10 42.86 -22.78 20.94
CA VAL A 10 42.32 -21.56 20.34
C VAL A 10 41.38 -20.86 21.32
N ASP A 11 41.43 -19.53 21.32
CA ASP A 11 40.57 -18.73 22.17
C ASP A 11 39.67 -17.83 21.32
N LEU A 12 38.37 -18.10 21.33
CA LEU A 12 37.41 -17.33 20.57
C LEU A 12 36.73 -16.28 21.45
N ILE A 13 36.88 -15.01 21.08
CA ILE A 13 36.24 -13.92 21.79
C ILE A 13 35.08 -13.35 20.97
N LYS A 14 33.86 -13.53 21.49
CA LYS A 14 32.65 -13.10 20.79
C LYS A 14 32.13 -11.79 21.38
N THR A 15 32.01 -10.77 20.54
CA THR A 15 31.48 -9.49 20.99
C THR A 15 30.17 -9.12 20.30
N GLY A 16 29.53 -8.05 20.78
CA GLY A 16 28.24 -7.63 20.27
C GLY A 16 28.21 -6.15 19.93
N VAL A 17 27.09 -5.50 20.27
CA VAL A 17 26.81 -4.14 19.81
C VAL A 17 27.85 -3.09 20.17
N ASN A 18 28.10 -2.89 21.46
CA ASN A 18 29.10 -1.92 21.88
C ASN A 18 30.39 -2.59 22.32
N GLU A 19 30.90 -3.49 21.48
CA GLU A 19 32.07 -4.29 21.82
C GLU A 19 31.74 -5.18 23.02
N LYS A 20 30.49 -5.10 23.46
CA LYS A 20 30.01 -5.87 24.58
C LYS A 20 30.32 -7.35 24.42
N ALA A 21 30.79 -7.98 25.50
CA ALA A 21 31.03 -9.41 25.50
C ALA A 21 29.70 -10.14 25.33
N MET A 22 29.68 -11.14 24.44
CA MET A 22 28.45 -11.88 24.17
C MET A 22 28.45 -13.26 24.81
N ALA A 23 27.50 -13.50 25.70
CA ALA A 23 27.33 -14.79 26.33
C ALA A 23 26.15 -15.52 25.72
N GLY A 24 26.31 -16.81 25.45
CA GLY A 24 25.22 -17.62 24.93
C GLY A 24 25.37 -18.00 23.48
N ALA A 25 26.20 -17.27 22.74
CA ALA A 25 26.46 -17.60 21.35
C ALA A 25 27.01 -19.01 21.24
N VAL A 26 26.34 -19.85 20.46
CA VAL A 26 26.71 -21.26 20.35
C VAL A 26 27.44 -21.56 19.05
N PHE A 27 28.59 -22.21 19.16
CA PHE A 27 29.39 -22.55 18.00
C PHE A 27 29.71 -24.04 17.94
N SER A 28 29.97 -24.52 16.75
CA SER A 28 30.51 -25.85 16.56
C SER A 28 31.84 -25.73 15.84
N LEU A 29 32.79 -26.61 16.19
CA LEU A 29 34.12 -26.57 15.60
C LEU A 29 34.31 -27.69 14.58
N PHE A 30 34.71 -27.32 13.38
CA PHE A 30 34.93 -28.29 12.31
C PHE A 30 36.35 -28.16 11.76
N LYS A 31 36.89 -29.26 11.25
CA LYS A 31 38.10 -29.20 10.45
C LYS A 31 37.71 -28.67 9.08
N LYS A 32 38.70 -28.24 8.30
CA LYS A 32 38.44 -27.70 6.97
C LYS A 32 37.63 -28.67 6.12
N ASP A 33 37.94 -29.96 6.23
CA ASP A 33 37.31 -30.98 5.40
C ASP A 33 35.85 -31.24 5.76
N GLY A 34 35.43 -30.77 6.94
CA GLY A 34 34.04 -30.87 7.33
C GLY A 34 33.77 -31.59 8.64
N THR A 35 34.63 -32.54 8.99
CA THR A 35 34.43 -33.32 10.21
C THR A 35 34.24 -32.43 11.43
N GLU A 36 33.19 -32.72 12.21
CA GLU A 36 32.89 -31.97 13.42
C GLU A 36 33.77 -32.41 14.57
N VAL A 37 34.46 -31.46 15.20
CA VAL A 37 35.30 -31.75 16.35
C VAL A 37 34.51 -31.60 17.65
N LYS A 38 33.79 -30.50 17.77
CA LYS A 38 32.93 -30.27 18.94
C LYS A 38 31.65 -29.53 18.55
N LYS A 39 30.57 -29.80 19.28
CA LYS A 39 29.31 -29.10 19.05
C LYS A 39 28.73 -28.58 20.37
N GLU A 40 27.82 -27.62 20.26
CA GLU A 40 27.22 -27.01 21.45
C GLU A 40 28.29 -26.37 22.33
N LEU A 41 29.03 -25.43 21.77
CA LEU A 41 30.04 -24.69 22.52
C LEU A 41 29.58 -23.26 22.78
N ALA A 42 29.00 -23.03 23.95
CA ALA A 42 28.45 -21.72 24.29
C ALA A 42 29.53 -20.79 24.83
N THR A 43 29.49 -19.53 24.39
CA THR A 43 30.40 -18.52 24.91
C THR A 43 30.03 -18.22 26.36
N ASP A 44 31.04 -18.08 27.22
CA ASP A 44 30.79 -17.86 28.64
C ASP A 44 30.41 -16.41 28.94
N ALA A 45 30.43 -16.03 30.23
CA ALA A 45 29.98 -14.72 30.64
C ALA A 45 30.85 -13.59 30.09
N ASN A 46 32.02 -13.95 29.57
CA ASN A 46 32.95 -12.97 29.03
C ASN A 46 33.09 -13.09 27.51
N GLY A 47 32.28 -13.94 26.90
CA GLY A 47 32.25 -14.11 25.46
C GLY A 47 33.28 -15.08 24.92
N HIS A 48 33.87 -15.87 25.80
CA HIS A 48 34.96 -16.75 25.41
C HIS A 48 34.53 -18.18 25.13
N ILE A 49 35.22 -18.79 24.16
CA ILE A 49 35.16 -20.23 23.94
C ILE A 49 36.60 -20.75 23.82
N ARG A 50 37.05 -21.48 24.84
CA ARG A 50 38.43 -21.97 24.87
C ARG A 50 38.47 -23.47 24.60
N VAL A 51 39.19 -23.85 23.55
CA VAL A 51 39.29 -25.25 23.16
C VAL A 51 40.76 -25.68 23.06
N GLN A 52 41.07 -26.87 23.55
CA GLN A 52 42.44 -27.37 23.55
C GLN A 52 42.54 -28.83 23.15
N GLY A 53 43.75 -29.27 22.80
CA GLY A 53 43.99 -30.64 22.39
C GLY A 53 43.67 -30.87 20.93
N LEU A 54 43.54 -29.78 20.18
CA LEU A 54 43.24 -29.86 18.75
C LEU A 54 44.49 -30.23 17.96
N GLU A 55 44.34 -31.15 17.01
CA GLU A 55 45.45 -31.57 16.17
C GLU A 55 45.81 -30.48 15.17
N TYR A 56 47.04 -30.53 14.65
CA TYR A 56 47.50 -29.56 13.67
C TYR A 56 46.66 -29.60 12.40
N GLY A 57 46.46 -28.42 11.79
CA GLY A 57 45.70 -28.33 10.57
C GLY A 57 44.74 -27.15 10.56
N GLU A 58 43.93 -27.06 9.52
CA GLU A 58 42.99 -25.94 9.37
C GLU A 58 41.63 -26.27 9.97
N TYR A 59 41.05 -25.29 10.65
CA TYR A 59 39.75 -25.45 11.28
C TYR A 59 38.84 -24.29 10.92
N TYR A 60 37.68 -24.25 11.55
CA TYR A 60 36.78 -23.11 11.44
C TYR A 60 35.60 -23.26 12.39
N PHE A 61 35.28 -22.18 13.09
CA PHE A 61 34.11 -22.15 13.93
C PHE A 61 32.88 -21.77 13.11
N GLN A 62 31.74 -22.37 13.44
CA GLN A 62 30.50 -21.96 12.81
C GLN A 62 29.41 -21.81 13.87
N GLU A 63 28.61 -20.76 13.71
CA GLU A 63 27.56 -20.46 14.68
C GLU A 63 26.31 -21.27 14.36
N THR A 64 25.80 -21.97 15.37
CA THR A 64 24.58 -22.76 15.22
C THR A 64 23.40 -22.08 15.88
N LYS A 65 23.68 -21.29 16.92
CA LYS A 65 22.66 -20.54 17.63
C LYS A 65 23.19 -19.15 17.94
N ALA A 66 22.56 -18.13 17.36
CA ALA A 66 22.96 -16.75 17.60
C ALA A 66 22.63 -16.35 19.03
N PRO A 67 23.42 -15.44 19.61
CA PRO A 67 23.09 -14.94 20.95
C PRO A 67 21.81 -14.13 20.89
N LYS A 68 21.02 -14.16 21.95
CA LYS A 68 19.73 -13.49 21.97
C LYS A 68 19.82 -12.07 21.44
N GLY A 69 18.91 -11.72 20.54
CA GLY A 69 18.82 -10.36 20.02
C GLY A 69 19.77 -10.10 18.85
N TYR A 70 20.47 -11.14 18.40
CA TYR A 70 21.40 -10.98 17.30
C TYR A 70 21.05 -11.85 16.09
N VAL A 71 21.61 -11.47 14.94
CA VAL A 71 21.38 -12.17 13.70
C VAL A 71 22.28 -13.39 13.59
N ILE A 72 21.69 -14.55 13.32
CA ILE A 72 22.47 -15.76 13.09
C ILE A 72 23.40 -15.56 11.88
N ASP A 73 24.68 -15.83 12.09
CA ASP A 73 25.67 -15.66 11.03
C ASP A 73 26.33 -16.99 10.70
N PRO A 74 26.17 -17.46 9.45
CA PRO A 74 26.69 -18.75 8.99
C PRO A 74 28.16 -18.70 8.59
N THR A 75 28.72 -17.50 8.49
CA THR A 75 30.10 -17.32 8.04
C THR A 75 31.09 -18.25 8.77
N LYS A 76 32.00 -18.85 8.02
CA LYS A 76 33.03 -19.72 8.60
C LYS A 76 34.21 -18.93 9.13
N ARG A 77 34.47 -19.06 10.42
CA ARG A 77 35.59 -18.37 11.06
C ARG A 77 36.82 -19.26 11.07
N GLU A 78 37.70 -19.07 10.09
CA GLU A 78 38.79 -19.99 9.83
C GLU A 78 40.09 -19.59 10.53
N PHE A 79 40.84 -20.59 10.95
CA PHE A 79 42.14 -20.39 11.56
C PHE A 79 42.99 -21.65 11.41
N PHE A 80 44.27 -21.55 11.77
CA PHE A 80 45.18 -22.68 11.68
C PHE A 80 45.76 -23.04 13.04
N VAL A 81 45.98 -24.34 13.26
CA VAL A 81 46.66 -24.80 14.45
C VAL A 81 47.95 -25.49 14.02
N LYS A 82 49.08 -24.82 14.27
CA LYS A 82 50.37 -25.32 13.79
C LYS A 82 51.45 -25.31 14.87
N ASN A 83 51.13 -24.73 16.02
CA ASN A 83 52.09 -24.64 17.12
C ASN A 83 51.52 -25.24 18.41
N SER A 84 52.40 -25.73 19.27
CA SER A 84 51.98 -26.33 20.52
C SER A 84 51.35 -25.29 21.44
N GLY A 85 50.31 -25.68 22.17
CA GLY A 85 49.65 -24.81 23.12
C GLY A 85 48.48 -25.47 23.81
N THR A 86 48.17 -25.01 25.01
CA THR A 86 47.02 -25.51 25.76
C THR A 86 46.31 -24.36 26.47
N ILE A 87 45.08 -24.61 26.90
CA ILE A 87 44.31 -23.62 27.63
C ILE A 87 43.06 -24.25 28.23
N ASN A 88 42.88 -24.08 29.54
CA ASN A 88 41.75 -24.68 30.23
C ASN A 88 40.44 -23.95 29.99
N GLU A 89 39.36 -24.49 30.55
CA GLU A 89 38.02 -23.95 30.31
C GLU A 89 37.92 -22.47 30.69
N ASP A 90 38.38 -22.13 31.88
CA ASP A 90 38.29 -20.76 32.38
C ASP A 90 39.41 -19.87 31.83
N GLY A 91 40.45 -20.50 31.30
CA GLY A 91 41.52 -19.76 30.65
C GLY A 91 42.60 -19.24 31.59
N THR A 92 42.67 -19.79 32.79
CA THR A 92 43.68 -19.38 33.76
C THR A 92 44.99 -20.11 33.53
N ILE A 93 44.93 -21.29 32.93
CA ILE A 93 46.11 -22.10 32.67
C ILE A 93 46.45 -22.14 31.18
N THR A 94 47.44 -21.34 30.79
CA THR A 94 47.83 -21.23 29.38
C THR A 94 49.25 -21.72 29.17
N SER A 95 49.53 -22.21 27.97
CA SER A 95 50.88 -22.64 27.60
C SER A 95 51.06 -22.59 26.10
N GLY A 96 52.31 -22.46 25.67
CA GLY A 96 52.62 -22.40 24.25
C GLY A 96 51.79 -21.37 23.52
N THR A 97 51.59 -21.57 22.22
CA THR A 97 50.83 -20.62 21.42
C THR A 97 49.34 -20.89 21.45
N VAL A 98 48.57 -19.85 21.70
CA VAL A 98 47.12 -19.93 21.69
C VAL A 98 46.55 -18.99 20.63
N VAL A 99 45.79 -19.55 19.69
CA VAL A 99 45.25 -18.77 18.59
C VAL A 99 44.10 -17.86 19.05
N LYS A 100 44.28 -16.55 18.91
CA LYS A 100 43.26 -15.60 19.29
C LYS A 100 42.35 -15.33 18.11
N MET A 101 41.03 -15.36 18.35
CA MET A 101 40.06 -15.13 17.28
C MET A 101 38.87 -14.31 17.78
N GLU A 102 38.66 -13.17 17.14
CA GLU A 102 37.56 -12.28 17.50
C GLU A 102 36.42 -12.38 16.50
N VAL A 103 35.20 -12.54 16.99
CA VAL A 103 34.02 -12.64 16.14
C VAL A 103 32.97 -11.62 16.59
N LYS A 104 32.56 -10.75 15.68
CA LYS A 104 31.58 -9.71 16.01
C LYS A 104 30.18 -10.08 15.53
N ASN A 105 29.19 -9.93 16.40
CA ASN A 105 27.81 -10.19 16.05
C ASN A 105 26.97 -8.92 15.96
N ASN A 106 26.02 -8.90 15.03
CA ASN A 106 25.21 -7.71 14.80
C ASN A 106 23.75 -7.88 15.23
N GLU A 107 23.20 -6.83 15.83
CA GLU A 107 21.83 -6.85 16.34
C GLU A 107 20.83 -7.08 15.24
N GLU A 108 19.78 -7.85 15.54
CA GLU A 108 18.66 -7.93 14.62
C GLU A 108 17.71 -6.78 14.93
N PRO A 109 17.26 -6.07 13.89
CA PRO A 109 16.38 -4.91 14.06
C PRO A 109 15.15 -5.28 14.88
N THR A 110 14.71 -4.34 15.72
CA THR A 110 13.52 -4.54 16.52
C THR A 110 12.50 -3.49 16.11
N ILE A 111 11.28 -3.61 16.62
CA ILE A 111 10.24 -2.65 16.29
C ILE A 111 9.35 -2.36 17.49
N ASP A 112 9.07 -1.09 17.70
CA ASP A 112 8.23 -0.65 18.80
C ASP A 112 7.16 0.31 18.28
N LYS A 113 5.92 0.12 18.72
CA LYS A 113 4.82 0.95 18.27
C LYS A 113 4.11 1.60 19.45
N LYS A 114 4.01 2.92 19.41
CA LYS A 114 3.38 3.69 20.48
C LYS A 114 2.45 4.75 19.91
N ILE A 115 1.53 5.23 20.73
CA ILE A 115 0.62 6.30 20.34
C ILE A 115 1.02 7.59 21.05
N ASN A 116 1.16 8.67 20.28
CA ASN A 116 1.56 9.95 20.85
C ASN A 116 2.81 9.84 21.72
N GLY A 117 3.75 9.01 21.30
CA GLY A 117 5.03 8.92 21.98
C GLY A 117 5.19 7.74 22.92
N LYS A 118 4.29 7.62 23.89
CA LYS A 118 4.48 6.64 24.96
C LYS A 118 3.23 5.83 25.33
N LEU A 119 2.15 6.01 24.58
CA LEU A 119 0.89 5.35 24.92
C LEU A 119 0.69 4.03 24.16
N GLU A 120 -0.07 3.12 24.77
CA GLU A 120 -0.48 1.89 24.12
C GLU A 120 -1.99 1.91 23.89
N ALA A 121 -2.67 2.80 24.58
CA ALA A 121 -4.12 2.97 24.44
C ALA A 121 -4.47 4.46 24.47
N LEU A 122 -5.42 4.85 23.64
CA LEU A 122 -5.86 6.24 23.59
C LEU A 122 -7.32 6.41 23.20
N PRO A 123 -8.18 6.75 24.17
CA PRO A 123 -9.54 7.19 23.86
C PRO A 123 -9.50 8.58 23.22
N ILE A 124 -10.00 8.72 22.01
CA ILE A 124 -9.96 10.00 21.32
C ILE A 124 -11.26 10.32 20.59
N ASN A 125 -11.61 11.59 20.52
CA ASN A 125 -12.74 12.03 19.70
C ASN A 125 -12.47 11.77 18.23
N PRO A 126 -13.54 11.50 17.46
CA PRO A 126 -13.40 11.34 16.02
C PRO A 126 -12.77 12.58 15.37
N LEU A 127 -12.23 12.42 14.17
CA LEU A 127 -11.67 13.54 13.42
C LEU A 127 -10.71 14.38 14.27
N THR A 128 -9.94 13.71 15.11
CA THR A 128 -8.95 14.40 15.95
C THR A 128 -7.57 13.77 15.78
N ASN A 129 -6.59 14.60 15.45
CA ASN A 129 -5.24 14.13 15.17
C ASN A 129 -4.58 13.41 16.34
N TYR A 130 -4.01 12.24 16.05
CA TYR A 130 -3.13 11.54 16.98
C TYR A 130 -2.02 10.89 16.18
N ASN A 131 -0.88 10.62 16.83
CA ASN A 131 0.27 10.08 16.12
C ASN A 131 0.58 8.63 16.43
N TYR A 132 0.87 7.86 15.38
CA TYR A 132 1.49 6.57 15.54
C TYR A 132 3.00 6.75 15.43
N ASP A 133 3.72 6.46 16.51
CA ASP A 133 5.18 6.55 16.47
C ASP A 133 5.80 5.16 16.39
N ILE A 134 6.37 4.85 15.24
CA ILE A 134 6.99 3.56 15.00
C ILE A 134 8.51 3.71 14.99
N LYS A 135 9.17 3.04 15.93
CA LYS A 135 10.62 3.16 16.06
C LYS A 135 11.29 1.79 15.99
N THR A 136 12.33 1.70 15.17
CA THR A 136 13.02 0.43 14.96
C THR A 136 14.53 0.60 15.13
N LEU A 137 15.19 -0.45 15.60
CA LEU A 137 16.63 -0.40 15.83
C LEU A 137 17.39 -0.46 14.52
N ILE A 138 18.44 0.37 14.42
CA ILE A 138 19.34 0.34 13.28
C ILE A 138 20.65 -0.32 13.69
N PRO A 139 20.94 -1.51 13.16
CA PRO A 139 22.14 -2.27 13.52
C PRO A 139 23.44 -1.61 13.05
N GLU A 140 24.56 -2.06 13.60
CA GLU A 140 25.87 -1.50 13.27
C GLU A 140 26.23 -1.72 11.81
N ASP A 141 25.77 -2.84 11.25
CA ASP A 141 26.11 -3.21 9.88
C ASP A 141 24.98 -2.87 8.90
N ILE A 142 24.30 -1.76 9.16
CA ILE A 142 23.21 -1.34 8.29
C ILE A 142 23.75 -0.98 6.90
N LYS A 143 24.97 -0.45 6.87
CA LYS A 143 25.63 -0.08 5.63
C LYS A 143 25.66 -1.22 4.62
N GLU A 144 25.59 -2.45 5.12
CA GLU A 144 25.72 -3.63 4.26
C GLU A 144 24.40 -4.34 4.04
N TYR A 145 23.32 -3.73 4.53
CA TYR A 145 21.98 -4.28 4.37
C TYR A 145 21.46 -4.10 2.94
N LYS A 146 20.75 -5.10 2.44
CA LYS A 146 20.18 -5.04 1.10
C LYS A 146 18.75 -4.50 1.13
N LYS A 147 18.06 -4.72 2.24
CA LYS A 147 16.67 -4.30 2.37
C LYS A 147 16.33 -3.90 3.80
N TYR A 148 15.64 -2.78 3.95
CA TYR A 148 15.21 -2.30 5.25
C TYR A 148 13.93 -1.49 5.08
N VAL A 149 12.79 -2.13 5.32
CA VAL A 149 11.49 -1.51 5.09
C VAL A 149 10.63 -1.49 6.35
N VAL A 150 10.11 -0.32 6.69
CA VAL A 150 9.19 -0.19 7.80
C VAL A 150 7.82 0.20 7.28
N THR A 151 6.83 -0.65 7.51
CA THR A 151 5.51 -0.45 6.95
C THR A 151 4.40 -0.60 8.00
N ALA A 152 3.26 0.02 7.72
CA ALA A 152 2.08 -0.10 8.56
C ALA A 152 0.81 0.11 7.73
N THR A 153 -0.09 -0.87 7.78
CA THR A 153 -1.38 -0.75 7.11
C THR A 153 -2.45 -0.38 8.13
N LEU A 154 -2.95 0.84 8.04
CA LEU A 154 -3.92 1.35 9.02
C LEU A 154 -5.31 0.78 8.84
N ASP A 155 -5.99 0.58 9.96
CA ASP A 155 -7.37 0.07 9.97
C ASP A 155 -8.25 0.94 9.08
N ASN A 156 -9.23 0.33 8.41
CA ASN A 156 -10.12 1.05 7.51
C ASN A 156 -10.86 2.21 8.16
N ARG A 157 -11.05 2.12 9.48
CA ARG A 157 -11.80 3.14 10.21
C ARG A 157 -10.91 4.30 10.60
N LEU A 158 -9.75 4.42 9.95
CA LEU A 158 -8.82 5.50 10.23
C LEU A 158 -8.45 6.25 8.96
N VAL A 159 -8.00 7.49 9.12
CA VAL A 159 -7.64 8.32 7.98
C VAL A 159 -6.23 8.89 8.14
N ILE A 160 -5.36 8.57 7.19
CA ILE A 160 -3.99 9.08 7.22
C ILE A 160 -3.96 10.57 6.93
N GLN A 161 -3.42 11.34 7.87
CA GLN A 161 -3.38 12.79 7.74
C GLN A 161 -2.03 13.27 7.20
N GLY A 162 -2.04 13.76 5.96
CA GLY A 162 -0.84 14.30 5.36
C GLY A 162 0.20 13.27 4.99
N LYS A 163 1.46 13.69 4.97
CA LYS A 163 2.56 12.79 4.65
C LYS A 163 3.35 12.41 5.90
N PRO A 164 3.44 11.10 6.18
CA PRO A 164 4.18 10.57 7.32
C PRO A 164 5.65 11.01 7.29
N ILE A 165 6.22 11.23 8.48
CA ILE A 165 7.57 11.75 8.59
C ILE A 165 8.53 10.66 9.10
N VAL A 166 9.73 10.62 8.53
CA VAL A 166 10.75 9.67 8.96
C VAL A 166 11.96 10.39 9.56
N LYS A 167 12.28 10.05 10.80
CA LYS A 167 13.43 10.64 11.48
C LYS A 167 14.48 9.57 11.81
N ILE A 168 15.73 9.86 11.45
CA ILE A 168 16.85 9.00 11.80
C ILE A 168 17.63 9.67 12.94
N ASP A 169 17.50 9.12 14.14
CA ASP A 169 18.08 9.72 15.34
C ASP A 169 17.58 11.13 15.56
N GLY A 170 16.27 11.32 15.41
CA GLY A 170 15.64 12.61 15.68
C GLY A 170 15.87 13.63 14.57
N ALA A 171 16.57 13.21 13.52
CA ALA A 171 16.84 14.10 12.39
C ALA A 171 16.03 13.68 11.17
N GLU A 172 15.09 14.53 10.77
CA GLU A 172 14.26 14.25 9.61
C GLU A 172 15.14 14.09 8.37
N VAL A 173 14.90 13.04 7.59
CA VAL A 173 15.76 12.75 6.45
C VAL A 173 15.06 12.94 5.11
N ASN A 174 15.87 13.17 4.09
CA ASN A 174 15.39 13.43 2.73
C ASN A 174 14.82 12.17 2.09
N ALA A 175 14.05 12.33 1.01
CA ALA A 175 13.47 11.21 0.30
C ALA A 175 14.53 10.39 -0.42
N ASN A 176 15.75 10.95 -0.50
CA ASN A 176 16.88 10.23 -1.08
C ASN A 176 17.42 9.21 -0.08
N VAL A 177 17.23 9.50 1.19
CA VAL A 177 17.62 8.59 2.26
C VAL A 177 16.56 7.51 2.44
N VAL A 178 15.38 7.91 2.89
CA VAL A 178 14.26 6.99 3.05
C VAL A 178 13.06 7.46 2.23
N GLU A 179 12.53 6.56 1.41
CA GLU A 179 11.38 6.88 0.56
C GLU A 179 10.07 6.50 1.25
N VAL A 180 9.18 7.49 1.38
CA VAL A 180 7.90 7.26 2.02
C VAL A 180 6.78 7.19 0.97
N ALA A 181 6.14 6.03 0.89
CA ALA A 181 5.04 5.84 -0.05
C ALA A 181 3.73 5.57 0.67
N ILE A 182 2.63 6.05 0.09
CA ILE A 182 1.30 5.78 0.63
C ILE A 182 0.43 5.15 -0.43
N GLU A 183 -0.02 3.92 -0.17
CA GLU A 183 -0.90 3.22 -1.08
C GLU A 183 -2.17 2.83 -0.34
N GLY A 184 -3.16 3.71 -0.39
CA GLY A 184 -4.39 3.51 0.36
C GLY A 184 -4.15 3.70 1.85
N GLN A 185 -4.39 2.63 2.61
CA GLN A 185 -4.16 2.66 4.06
C GLN A 185 -2.72 2.28 4.40
N LYS A 186 -1.96 1.84 3.40
CA LYS A 186 -0.63 1.29 3.61
C LYS A 186 0.47 2.34 3.52
N VAL A 187 1.10 2.62 4.66
CA VAL A 187 2.28 3.48 4.68
C VAL A 187 3.54 2.62 4.61
N THR A 188 4.45 2.98 3.71
CA THR A 188 5.69 2.21 3.53
C THR A 188 6.91 3.12 3.51
N ALA A 189 7.86 2.86 4.40
CA ALA A 189 9.09 3.63 4.47
C ALA A 189 10.31 2.74 4.14
N THR A 190 10.82 2.89 2.93
CA THR A 190 11.93 2.06 2.46
C THR A 190 13.26 2.82 2.44
N VAL A 191 14.29 2.23 3.02
CA VAL A 191 15.62 2.85 3.01
C VAL A 191 16.23 2.77 1.62
N LYS A 192 16.63 3.93 1.09
CA LYS A 192 17.18 4.01 -0.25
C LYS A 192 18.69 4.23 -0.27
N ASP A 193 19.22 4.82 0.80
CA ASP A 193 20.66 5.04 0.90
C ASP A 193 21.22 4.52 2.22
N PHE A 194 21.63 3.26 2.23
CA PHE A 194 22.13 2.62 3.44
C PHE A 194 23.41 3.25 3.98
N THR A 195 24.13 3.96 3.12
CA THR A 195 25.37 4.61 3.53
C THR A 195 25.11 5.76 4.50
N LYS A 196 24.02 6.49 4.30
CA LYS A 196 23.64 7.57 5.20
C LYS A 196 22.99 7.02 6.47
N MET A 197 22.84 5.70 6.52
CA MET A 197 22.32 5.01 7.69
C MET A 197 23.47 4.61 8.61
N ASP A 198 24.65 4.46 8.03
CA ASP A 198 25.84 4.05 8.78
C ASP A 198 26.05 4.92 10.01
N GLY A 199 26.20 4.28 11.17
CA GLY A 199 26.43 5.00 12.41
C GLY A 199 25.17 5.47 13.12
N LYS A 200 24.00 5.18 12.53
CA LYS A 200 22.74 5.63 13.09
C LYS A 200 22.10 4.56 14.00
N LYS A 201 21.24 4.99 14.90
CA LYS A 201 20.72 4.09 15.93
C LYS A 201 19.21 3.88 15.89
N GLU A 202 18.46 4.89 15.46
CA GLU A 202 17.00 4.82 15.54
C GLU A 202 16.27 5.25 14.26
N PHE A 203 15.34 4.41 13.84
CA PHE A 203 14.49 4.70 12.69
C PHE A 203 13.11 5.06 13.19
N HIS A 204 12.67 6.29 12.92
CA HIS A 204 11.40 6.79 13.46
C HIS A 204 10.39 7.14 12.37
N LEU A 205 9.42 6.27 12.18
CA LEU A 205 8.31 6.55 11.26
C LEU A 205 7.10 7.05 12.02
N GLN A 206 6.71 8.29 11.77
CA GLN A 206 5.56 8.88 12.44
C GLN A 206 4.39 9.06 11.47
N ILE A 207 3.27 8.43 11.78
CA ILE A 207 2.08 8.54 10.96
C ILE A 207 0.95 9.24 11.72
N LYS A 208 0.56 10.41 11.23
CA LYS A 208 -0.53 11.18 11.82
C LYS A 208 -1.87 10.65 11.32
N SER A 209 -2.83 10.47 12.22
CA SER A 209 -4.05 9.76 11.91
C SER A 209 -5.30 10.40 12.53
N GLN A 210 -6.47 9.93 12.11
CA GLN A 210 -7.75 10.34 12.70
C GLN A 210 -8.74 9.20 12.61
N VAL A 211 -9.63 9.10 13.60
CA VAL A 211 -10.72 8.13 13.53
C VAL A 211 -11.87 8.75 12.75
N LYS A 212 -12.47 7.97 11.84
CA LYS A 212 -13.61 8.44 11.09
C LYS A 212 -14.81 8.61 12.01
N GLU A 213 -15.75 9.46 11.60
CA GLU A 213 -17.03 9.56 12.28
C GLU A 213 -17.90 8.38 11.88
N GLY A 214 -18.76 7.95 12.80
CA GLY A 214 -19.69 6.88 12.50
C GLY A 214 -19.35 5.59 13.20
N VAL A 215 -18.11 5.49 13.67
CA VAL A 215 -17.67 4.31 14.40
C VAL A 215 -18.26 4.31 15.80
N PRO A 216 -18.86 3.18 16.22
CA PRO A 216 -19.50 3.08 17.53
C PRO A 216 -18.53 3.39 18.67
N SER A 217 -18.98 4.17 19.64
CA SER A 217 -18.15 4.54 20.78
C SER A 217 -17.62 3.29 21.48
N GLY A 218 -16.39 3.39 21.99
CA GLY A 218 -15.80 2.31 22.74
C GLY A 218 -15.26 1.18 21.89
N SER A 219 -15.26 1.38 20.56
CA SER A 219 -14.68 0.39 19.67
C SER A 219 -13.16 0.41 19.79
N GLU A 220 -12.58 -0.75 20.08
CA GLU A 220 -11.13 -0.86 20.23
C GLU A 220 -10.46 -1.12 18.90
N ILE A 221 -9.95 -0.06 18.28
CA ILE A 221 -9.28 -0.16 16.99
C ILE A 221 -7.83 -0.61 17.16
N LEU A 222 -7.62 -1.92 17.18
CA LEU A 222 -6.28 -2.48 17.34
C LEU A 222 -5.48 -2.38 16.04
N ASN A 223 -4.21 -2.02 16.16
CA ASN A 223 -3.33 -1.89 15.00
C ASN A 223 -1.87 -2.14 15.34
N THR A 224 -1.13 -2.69 14.40
CA THR A 224 0.28 -2.99 14.61
C THR A 224 1.10 -2.67 13.36
N ALA A 225 2.41 -2.54 13.53
CA ALA A 225 3.31 -2.24 12.42
C ALA A 225 4.29 -3.38 12.18
N LYS A 226 5.00 -3.32 11.05
CA LYS A 226 5.96 -4.35 10.70
C LYS A 226 7.26 -3.77 10.12
N ILE A 227 8.33 -4.53 10.27
CA ILE A 227 9.58 -4.21 9.62
C ILE A 227 10.10 -5.42 8.86
N HIS A 228 10.51 -5.20 7.62
CA HIS A 228 11.11 -6.23 6.80
C HIS A 228 12.55 -5.85 6.52
N PHE A 229 13.45 -6.83 6.56
CA PHE A 229 14.86 -6.57 6.31
C PHE A 229 15.59 -7.77 5.70
N THR A 230 16.67 -7.47 5.00
CA THR A 230 17.58 -8.49 4.47
C THR A 230 19.00 -7.97 4.58
N ASN A 231 19.86 -8.70 5.28
CA ASN A 231 21.24 -8.25 5.46
C ASN A 231 22.18 -8.70 4.35
N LYS A 232 23.48 -8.55 4.58
CA LYS A 232 24.50 -8.88 3.59
C LYS A 232 24.54 -10.36 3.23
N ASN A 233 24.24 -11.20 4.23
CA ASN A 233 24.28 -12.64 4.03
C ASN A 233 22.96 -13.18 3.53
N ASP A 234 22.13 -12.28 2.99
CA ASP A 234 20.82 -12.63 2.45
C ASP A 234 19.91 -13.26 3.51
N VAL A 235 20.13 -12.90 4.77
CA VAL A 235 19.26 -13.35 5.85
C VAL A 235 18.03 -12.47 5.92
N ILE A 236 16.88 -13.07 5.63
CA ILE A 236 15.62 -12.34 5.58
C ILE A 236 14.92 -12.35 6.92
N GLY A 237 14.36 -11.21 7.31
CA GLY A 237 13.69 -11.08 8.59
C GLY A 237 12.38 -10.32 8.49
N GLU A 238 11.53 -10.49 9.49
CA GLU A 238 10.23 -9.82 9.54
C GLU A 238 9.69 -9.82 10.96
N LYS A 239 9.64 -8.63 11.57
CA LYS A 239 9.16 -8.51 12.94
C LYS A 239 7.92 -7.62 13.04
N GLU A 240 7.06 -7.93 14.00
CA GLU A 240 5.81 -7.20 14.18
C GLU A 240 5.72 -6.64 15.58
N SER A 241 5.32 -5.37 15.68
CA SER A 241 5.26 -4.69 16.96
C SER A 241 4.15 -5.25 17.83
N LYS A 242 4.13 -4.84 19.10
CA LYS A 242 2.99 -5.11 19.94
C LYS A 242 1.85 -4.24 19.44
N PRO A 243 0.60 -4.63 19.73
CA PRO A 243 -0.56 -3.86 19.26
C PRO A 243 -0.78 -2.60 20.10
N VAL A 244 -1.13 -1.51 19.42
CA VAL A 244 -1.63 -0.30 20.11
C VAL A 244 -3.11 -0.13 19.77
N VAL A 245 -3.87 0.45 20.70
CA VAL A 245 -5.32 0.58 20.52
C VAL A 245 -5.81 2.01 20.66
N VAL A 246 -6.57 2.46 19.67
CA VAL A 246 -7.21 3.77 19.73
C VAL A 246 -8.72 3.57 19.83
N ILE A 247 -9.37 4.40 20.64
CA ILE A 247 -10.79 4.22 20.93
C ILE A 247 -11.59 5.51 20.71
N PRO A 248 -12.56 5.48 19.80
CA PRO A 248 -13.43 6.64 19.55
C PRO A 248 -14.29 6.93 20.76
N THR A 249 -14.40 8.20 21.13
CA THR A 249 -15.25 8.59 22.25
C THR A 249 -16.41 9.48 21.79
N THR A 250 -17.62 8.94 21.81
CA THR A 250 -18.84 9.72 21.52
C THR A 250 -19.95 9.38 22.51
N GLY A 251 -20.88 10.31 22.69
CA GLY A 251 -21.98 10.12 23.62
C GLY A 251 -23.35 10.39 23.01
N ILE A 252 -24.37 10.38 23.85
CA ILE A 252 -25.75 10.53 23.39
C ILE A 252 -26.49 11.59 24.18
N ILE A 253 -27.18 12.48 23.47
CA ILE A 253 -28.02 13.49 24.11
C ILE A 253 -29.48 13.22 23.75
N GLU A 254 -30.30 12.97 24.75
CA GLU A 254 -31.72 12.72 24.52
C GLU A 254 -32.58 13.73 25.26
N LEU A 255 -33.24 14.59 24.48
CA LEU A 255 -34.16 15.57 25.01
C LEU A 255 -35.59 15.05 24.98
N THR A 256 -36.32 15.31 26.05
CA THR A 256 -37.74 15.04 26.08
C THR A 256 -38.45 16.33 26.45
N LYS A 257 -39.22 17.02 25.43
CA LYS A 257 -39.92 18.30 25.57
C LYS A 257 -41.33 18.08 26.14
N ILE A 258 -41.69 18.68 27.33
CA ILE A 258 -43.01 18.56 27.95
C ILE A 258 -43.56 19.92 28.33
N ASP A 259 -44.86 19.96 28.59
CA ASP A 259 -45.47 21.16 29.15
C ASP A 259 -45.22 21.19 30.64
N SER A 260 -44.90 22.37 31.16
CA SER A 260 -44.47 22.51 32.54
C SER A 260 -45.52 22.08 33.57
N ALA A 261 -46.79 22.23 33.23
CA ALA A 261 -47.87 21.98 34.19
C ALA A 261 -48.54 20.62 34.05
N ASN A 262 -48.90 20.23 32.84
CA ASN A 262 -49.58 18.95 32.63
C ASN A 262 -48.65 17.81 32.24
N LYS A 263 -47.39 18.15 31.99
CA LYS A 263 -46.33 17.17 31.75
C LYS A 263 -46.51 16.35 30.49
N ASN A 264 -47.37 16.81 29.59
CA ASN A 264 -47.61 16.11 28.33
C ASN A 264 -46.47 16.33 27.34
N LYS A 265 -46.16 15.29 26.57
CA LYS A 265 -45.10 15.37 25.57
C LYS A 265 -45.50 16.31 24.43
N MET A 266 -44.51 16.99 23.86
CA MET A 266 -44.80 18.00 22.84
C MET A 266 -43.93 17.85 21.60
N LYS A 267 -44.56 17.90 20.43
CA LYS A 267 -43.85 17.80 19.17
C LYS A 267 -43.67 19.18 18.56
N GLY A 268 -42.73 19.30 17.63
CA GLY A 268 -42.54 20.54 16.89
C GLY A 268 -41.56 21.51 17.53
N ALA A 269 -41.05 21.17 18.70
CA ALA A 269 -40.02 21.97 19.33
C ALA A 269 -38.70 21.78 18.61
N GLU A 270 -38.08 22.89 18.18
CA GLU A 270 -36.83 22.81 17.43
C GLU A 270 -35.64 23.31 18.24
N PHE A 271 -34.56 22.53 18.24
CA PHE A 271 -33.36 22.85 19.00
C PHE A 271 -32.10 22.71 18.14
N VAL A 272 -30.99 23.26 18.64
CA VAL A 272 -29.70 23.13 17.97
C VAL A 272 -28.57 22.98 18.98
N LEU A 273 -27.63 22.08 18.70
CA LEU A 273 -26.49 21.87 19.59
C LEU A 273 -25.32 22.73 19.16
N LYS A 274 -24.84 23.58 20.07
CA LYS A 274 -23.65 24.40 19.81
C LYS A 274 -22.54 24.05 20.80
N ASP A 275 -21.32 24.49 20.50
CA ASP A 275 -20.21 24.35 21.45
C ASP A 275 -20.04 25.64 22.24
N ASN A 276 -19.23 25.61 23.29
CA ASN A 276 -19.03 26.78 24.13
C ASN A 276 -18.65 28.04 23.36
N ASN A 277 -17.98 27.87 22.22
CA ASN A 277 -17.58 28.98 21.38
C ASN A 277 -18.79 29.70 20.78
N GLY A 278 -19.91 28.99 20.67
CA GLY A 278 -21.11 29.53 20.08
C GLY A 278 -21.30 29.08 18.65
N LYS A 279 -20.52 28.08 18.25
CA LYS A 279 -20.60 27.53 16.90
C LYS A 279 -21.46 26.27 16.86
N ILE A 280 -22.28 26.15 15.82
CA ILE A 280 -23.13 24.99 15.67
C ILE A 280 -22.30 23.74 15.42
N VAL A 281 -22.64 22.66 16.13
CA VAL A 281 -21.90 21.40 16.01
C VAL A 281 -22.28 20.65 14.73
N VAL A 282 -21.26 20.21 14.00
CA VAL A 282 -21.49 19.47 12.77
C VAL A 282 -21.02 18.03 12.89
N VAL A 283 -21.93 17.09 12.62
CA VAL A 283 -21.62 15.67 12.64
C VAL A 283 -21.88 15.07 11.27
N ALA A 284 -20.82 14.69 10.57
CA ALA A 284 -20.94 14.11 9.24
C ALA A 284 -21.49 15.12 8.23
N GLY A 285 -21.01 16.36 8.31
CA GLY A 285 -21.38 17.38 7.34
C GLY A 285 -22.72 18.04 7.62
N LYS A 286 -23.50 17.45 8.52
CA LYS A 286 -24.83 17.96 8.84
C LYS A 286 -24.86 18.62 10.21
N GLU A 287 -25.42 19.83 10.28
CA GLU A 287 -25.59 20.53 11.55
C GLU A 287 -26.43 19.69 12.50
N VAL A 288 -26.12 19.78 13.80
CA VAL A 288 -26.87 19.04 14.80
C VAL A 288 -28.11 19.82 15.24
N THR A 289 -29.21 19.61 14.53
CA THR A 289 -30.50 20.20 14.88
C THR A 289 -31.51 19.08 15.07
N GLY A 290 -32.60 19.38 15.78
CA GLY A 290 -33.62 18.39 16.03
C GLY A 290 -35.01 19.01 16.13
N VAL A 291 -36.01 18.23 15.71
CA VAL A 291 -37.40 18.62 15.89
C VAL A 291 -38.09 17.58 16.75
N SER A 292 -38.59 18.00 17.89
CA SER A 292 -39.29 17.11 18.82
C SER A 292 -40.33 16.28 18.07
N ASP A 293 -40.35 14.97 18.34
CA ASP A 293 -41.32 14.09 17.69
C ASP A 293 -42.60 13.93 18.50
N GLU A 294 -43.46 13.00 18.08
CA GLU A 294 -44.76 12.81 18.72
C GLU A 294 -44.64 12.50 20.20
N ASN A 295 -43.51 11.92 20.60
CA ASN A 295 -43.26 11.61 21.99
C ASN A 295 -42.41 12.68 22.68
N GLY A 296 -42.20 13.78 21.98
CA GLY A 296 -41.46 14.91 22.51
C GLY A 296 -39.97 14.69 22.59
N VAL A 297 -39.48 13.68 21.86
CA VAL A 297 -38.08 13.26 21.96
C VAL A 297 -37.19 13.78 20.84
N ILE A 298 -35.99 14.18 21.21
CA ILE A 298 -34.91 14.45 20.25
C ILE A 298 -33.68 13.66 20.70
N LYS A 299 -33.19 12.78 19.84
CA LYS A 299 -32.05 11.94 20.18
C LYS A 299 -30.89 12.19 19.24
N TRP A 300 -29.82 12.75 19.79
CA TRP A 300 -28.60 13.02 19.03
C TRP A 300 -27.53 12.01 19.42
N SER A 301 -27.05 11.23 18.43
CA SER A 301 -25.99 10.26 18.65
C SER A 301 -24.68 10.69 18.01
N ASN A 302 -23.61 9.98 18.32
CA ASN A 302 -22.28 10.28 17.77
C ASN A 302 -21.80 11.68 18.11
N ILE A 303 -22.13 12.15 19.31
CA ILE A 303 -21.66 13.43 19.78
C ILE A 303 -20.34 13.26 20.52
N PRO A 304 -19.26 13.87 19.99
CA PRO A 304 -17.94 13.71 20.62
C PRO A 304 -17.92 14.23 22.05
N TYR A 305 -17.02 13.70 22.87
CA TYR A 305 -16.86 14.21 24.23
C TYR A 305 -16.60 15.70 24.20
N GLY A 306 -17.10 16.42 25.20
CA GLY A 306 -16.89 17.84 25.28
C GLY A 306 -18.03 18.57 25.96
N ASP A 307 -17.95 19.90 25.99
CA ASP A 307 -18.98 20.73 26.58
C ASP A 307 -19.77 21.43 25.49
N TYR A 308 -21.09 21.40 25.62
CA TYR A 308 -21.97 22.01 24.62
C TYR A 308 -23.06 22.84 25.28
N GLN A 309 -23.74 23.64 24.46
CA GLN A 309 -24.95 24.32 24.90
C GLN A 309 -26.10 24.02 23.95
N ILE A 310 -27.26 23.70 24.50
CA ILE A 310 -28.44 23.42 23.71
C ILE A 310 -29.35 24.64 23.66
N PHE A 311 -29.66 25.10 22.45
CA PHE A 311 -30.51 26.27 22.25
C PHE A 311 -31.84 25.90 21.61
N GLU A 312 -32.91 26.57 22.01
CA GLU A 312 -34.20 26.40 21.36
C GLU A 312 -34.34 27.43 20.25
N THR A 313 -34.60 26.97 19.04
CA THR A 313 -34.75 27.88 17.90
C THR A 313 -36.22 28.13 17.55
N LYS A 314 -37.11 27.26 18.03
CA LYS A 314 -38.54 27.41 17.75
C LYS A 314 -39.38 26.71 18.81
N ALA A 315 -40.26 27.48 19.45
CA ALA A 315 -41.13 26.94 20.49
C ALA A 315 -42.22 26.05 19.89
N PRO A 316 -42.69 25.07 20.68
CA PRO A 316 -43.83 24.27 20.25
C PRO A 316 -45.10 25.10 20.38
N THR A 317 -46.23 24.59 19.90
CA THR A 317 -47.47 25.35 20.03
C THR A 317 -48.44 24.69 21.01
N TYR A 318 -49.24 25.52 21.67
CA TYR A 318 -50.28 25.06 22.57
C TYR A 318 -51.57 25.82 22.30
N THR A 319 -52.52 25.73 23.22
CA THR A 319 -53.80 26.41 23.06
C THR A 319 -54.24 27.06 24.37
N LYS A 320 -54.71 28.30 24.29
CA LYS A 320 -55.19 29.02 25.46
C LYS A 320 -56.56 28.53 25.92
N GLU A 321 -56.95 28.97 27.11
CA GLU A 321 -58.22 28.58 27.71
C GLU A 321 -59.39 29.00 26.84
N ASP A 322 -59.14 29.91 25.91
CA ASP A 322 -60.18 30.41 25.00
C ASP A 322 -60.09 29.81 23.59
N GLY A 323 -59.20 28.85 23.42
CA GLY A 323 -59.09 28.13 22.16
C GLY A 323 -58.40 28.90 21.04
N THR A 324 -57.12 29.16 21.22
CA THR A 324 -56.32 29.82 20.18
C THR A 324 -54.85 29.38 20.22
N LYS A 325 -54.41 28.74 19.14
CA LYS A 325 -53.04 28.26 19.05
C LYS A 325 -52.02 29.36 19.30
N THR A 326 -51.33 29.28 20.43
CA THR A 326 -50.31 30.25 20.78
C THR A 326 -48.98 29.56 20.99
N SER A 327 -47.91 30.17 20.49
CA SER A 327 -46.58 29.62 20.67
C SER A 327 -46.09 29.85 22.09
N TYR A 328 -45.52 28.81 22.69
CA TYR A 328 -44.89 28.95 24.00
C TYR A 328 -43.84 30.05 23.92
N GLN A 329 -43.47 30.58 25.07
CA GLN A 329 -42.35 31.50 25.14
C GLN A 329 -41.08 30.67 24.92
N LEU A 330 -40.10 31.24 24.22
CA LEU A 330 -38.83 30.55 24.04
C LEU A 330 -38.09 30.47 25.36
N LEU A 331 -37.47 29.33 25.62
CA LEU A 331 -36.68 29.14 26.84
C LEU A 331 -35.80 30.36 27.08
N LYS A 332 -35.60 30.71 28.33
CA LYS A 332 -34.87 31.93 28.65
C LYS A 332 -33.35 31.73 28.70
N ASP A 333 -32.92 30.47 28.76
CA ASP A 333 -31.49 30.19 28.88
C ASP A 333 -31.05 28.92 28.15
N PRO A 334 -29.83 28.93 27.60
CA PRO A 334 -29.24 27.75 26.99
C PRO A 334 -29.08 26.65 28.03
N ILE A 335 -29.09 25.41 27.61
CA ILE A 335 -28.90 24.30 28.52
C ILE A 335 -27.49 23.75 28.40
N ASP A 336 -26.70 23.91 29.45
CA ASP A 336 -25.33 23.40 29.47
C ASP A 336 -25.35 21.87 29.57
N VAL A 337 -24.58 21.22 28.71
CA VAL A 337 -24.48 19.77 28.72
C VAL A 337 -23.03 19.35 28.54
N LYS A 338 -22.59 18.36 29.31
CA LYS A 338 -21.24 17.84 29.15
C LYS A 338 -21.26 16.35 28.90
N ILE A 339 -20.71 15.96 27.76
CA ILE A 339 -20.54 14.55 27.43
C ILE A 339 -19.11 14.10 27.75
N SER A 340 -18.99 13.08 28.60
CA SER A 340 -17.67 12.57 28.98
C SER A 340 -17.77 11.11 29.38
N GLU A 341 -16.65 10.58 29.86
CA GLU A 341 -16.56 9.18 30.27
C GLU A 341 -17.51 8.93 31.42
N ASN A 342 -17.70 9.94 32.26
CA ASN A 342 -18.61 9.84 33.40
C ASN A 342 -20.08 10.00 32.98
N ASN A 343 -20.31 10.81 31.95
CA ASN A 343 -21.65 11.05 31.44
C ASN A 343 -21.71 10.79 29.95
N GLN A 344 -21.87 9.52 29.57
CA GLN A 344 -21.89 9.16 28.16
C GLN A 344 -23.28 9.31 27.55
N THR A 345 -24.31 9.17 28.38
CA THR A 345 -25.68 9.42 27.95
C THR A 345 -26.31 10.50 28.80
N VAL A 346 -26.66 11.62 28.18
CA VAL A 346 -27.31 12.71 28.87
C VAL A 346 -28.78 12.78 28.49
N LYS A 347 -29.67 12.51 29.44
CA LYS A 347 -31.11 12.55 29.20
C LYS A 347 -31.74 13.75 29.90
N LEU A 348 -32.29 14.68 29.11
CA LEU A 348 -32.85 15.89 29.69
C LEU A 348 -34.34 16.04 29.42
N THR A 349 -35.10 16.32 30.48
CA THR A 349 -36.50 16.69 30.35
C THR A 349 -36.62 18.20 30.41
N ILE A 350 -37.12 18.79 29.32
CA ILE A 350 -37.19 20.24 29.19
C ILE A 350 -38.63 20.74 29.30
N GLU A 351 -38.89 21.52 30.35
CA GLU A 351 -40.23 22.05 30.58
C GLU A 351 -40.49 23.32 29.78
N ASN A 352 -41.60 23.34 29.06
CA ASN A 352 -42.04 24.53 28.35
C ASN A 352 -43.19 25.22 29.10
N ASN A 353 -43.09 26.54 29.22
CA ASN A 353 -44.10 27.29 29.94
C ASN A 353 -45.06 28.02 28.99
N LYS A 354 -46.36 27.89 29.25
CA LYS A 354 -47.37 28.53 28.42
C LYS A 354 -47.29 30.05 28.49
N SER A 355 -47.45 30.69 27.33
CA SER A 355 -47.38 32.15 27.24
C SER A 355 -47.87 32.63 25.89
N LYS B 6 48.41 -32.88 -20.47
CA LYS B 6 47.74 -33.32 -21.69
C LYS B 6 46.30 -32.84 -21.76
N ARG B 7 45.85 -32.22 -20.67
CA ARG B 7 44.48 -31.75 -20.56
C ARG B 7 44.41 -30.46 -19.73
N GLY B 8 43.32 -29.71 -19.90
CA GLY B 8 43.17 -28.43 -19.24
C GLY B 8 41.81 -28.20 -18.60
N ALA B 9 41.58 -26.98 -18.13
CA ALA B 9 40.34 -26.64 -17.44
C ALA B 9 39.84 -25.22 -17.74
N VAL B 10 38.54 -25.00 -17.55
CA VAL B 10 37.93 -23.70 -17.79
C VAL B 10 37.05 -23.28 -16.62
N ASP B 11 37.01 -21.98 -16.35
CA ASP B 11 36.17 -21.43 -15.30
C ASP B 11 35.33 -20.28 -15.84
N LEU B 12 34.01 -20.42 -15.77
CA LEU B 12 33.09 -19.45 -16.35
C LEU B 12 32.32 -18.68 -15.29
N ILE B 13 32.39 -17.36 -15.34
CA ILE B 13 31.69 -16.50 -14.40
C ILE B 13 30.51 -15.78 -15.07
N LYS B 14 29.30 -16.14 -14.67
CA LYS B 14 28.08 -15.57 -15.23
C LYS B 14 27.55 -14.45 -14.34
N THR B 15 27.37 -13.27 -14.92
CA THR B 15 26.80 -12.13 -14.19
C THR B 15 25.52 -11.62 -14.86
N GLY B 16 24.82 -10.72 -14.19
CA GLY B 16 23.57 -10.18 -14.72
C GLY B 16 23.44 -8.68 -14.51
N VAL B 17 22.27 -8.25 -14.06
CA VAL B 17 22.00 -6.84 -13.83
C VAL B 17 22.89 -6.32 -12.70
N ASN B 18 23.43 -5.11 -12.90
CA ASN B 18 24.30 -4.49 -11.90
C ASN B 18 25.47 -5.38 -11.51
N GLU B 19 25.99 -6.13 -12.48
CA GLU B 19 27.17 -6.98 -12.27
C GLU B 19 26.96 -8.05 -11.21
N LYS B 20 25.72 -8.23 -10.78
CA LYS B 20 25.38 -9.25 -9.80
C LYS B 20 25.70 -10.65 -10.34
N ALA B 21 26.08 -11.56 -9.45
CA ALA B 21 26.39 -12.92 -9.86
C ALA B 21 25.12 -13.69 -10.16
N MET B 22 25.08 -14.39 -11.28
CA MET B 22 23.89 -15.10 -11.72
C MET B 22 23.96 -16.59 -11.44
N ALA B 23 23.00 -17.08 -10.66
CA ALA B 23 22.86 -18.51 -10.40
C ALA B 23 21.63 -19.05 -11.13
N GLY B 24 21.77 -20.21 -11.75
CA GLY B 24 20.65 -20.84 -12.41
C GLY B 24 20.76 -20.89 -13.93
N ALA B 25 21.79 -20.24 -14.47
CA ALA B 25 22.00 -20.24 -15.92
C ALA B 25 22.51 -21.59 -16.38
N VAL B 26 21.94 -22.10 -17.47
CA VAL B 26 22.32 -23.42 -17.99
C VAL B 26 23.05 -23.32 -19.32
N PHE B 27 24.30 -23.82 -19.33
CA PHE B 27 25.14 -23.78 -20.52
C PHE B 27 25.50 -25.17 -21.02
N SER B 28 26.10 -25.22 -22.21
CA SER B 28 26.60 -26.46 -22.77
C SER B 28 27.99 -26.23 -23.37
N LEU B 29 28.86 -27.23 -23.28
CA LEU B 29 30.19 -27.13 -23.84
C LEU B 29 30.31 -27.96 -25.11
N PHE B 30 30.74 -27.32 -26.20
CA PHE B 30 30.94 -28.01 -27.47
C PHE B 30 32.37 -27.78 -27.97
N LYS B 31 32.80 -28.62 -28.90
CA LYS B 31 34.09 -28.41 -29.55
C LYS B 31 33.90 -27.46 -30.74
N LYS B 32 35.01 -27.00 -31.31
CA LYS B 32 34.96 -26.09 -32.44
C LYS B 32 34.22 -26.73 -33.62
N ASP B 33 34.42 -28.03 -33.80
CA ASP B 33 33.79 -28.75 -34.90
C ASP B 33 32.28 -28.94 -34.71
N GLY B 34 31.83 -28.85 -33.46
CA GLY B 34 30.42 -28.94 -33.16
C GLY B 34 30.03 -30.12 -32.28
N THR B 35 30.97 -31.03 -32.07
CA THR B 35 30.71 -32.21 -31.25
C THR B 35 30.38 -31.82 -29.81
N GLU B 36 29.24 -32.28 -29.33
CA GLU B 36 28.78 -31.95 -27.98
C GLU B 36 29.65 -32.64 -26.93
N VAL B 37 30.26 -31.85 -26.06
CA VAL B 37 31.12 -32.38 -25.01
C VAL B 37 30.32 -32.69 -23.74
N LYS B 38 29.56 -31.71 -23.26
CA LYS B 38 28.74 -31.91 -22.08
C LYS B 38 27.60 -30.91 -22.00
N LYS B 39 26.41 -31.41 -21.70
CA LYS B 39 25.21 -30.58 -21.61
C LYS B 39 24.67 -30.60 -20.18
N GLU B 40 23.76 -29.68 -19.88
CA GLU B 40 23.14 -29.60 -18.56
C GLU B 40 24.13 -29.12 -17.50
N LEU B 41 24.74 -27.96 -17.75
CA LEU B 41 25.69 -27.38 -16.79
C LEU B 41 25.20 -26.03 -16.29
N ALA B 42 24.75 -25.98 -15.04
CA ALA B 42 24.21 -24.75 -14.47
C ALA B 42 25.22 -24.04 -13.57
N THR B 43 25.10 -22.72 -13.48
CA THR B 43 25.99 -21.92 -12.65
C THR B 43 25.64 -22.07 -11.16
N ASP B 44 26.66 -22.27 -10.34
CA ASP B 44 26.45 -22.41 -8.90
C ASP B 44 26.10 -21.05 -8.30
N ALA B 45 25.95 -21.02 -6.97
CA ALA B 45 25.54 -19.81 -6.26
C ALA B 45 26.21 -18.52 -6.71
N ASN B 46 27.49 -18.59 -7.05
CA ASN B 46 28.24 -17.40 -7.44
C ASN B 46 28.35 -17.19 -8.95
N GLY B 47 27.66 -18.03 -9.71
CA GLY B 47 27.64 -17.91 -11.15
C GLY B 47 28.83 -18.59 -11.82
N HIS B 48 29.57 -19.38 -11.05
CA HIS B 48 30.73 -20.08 -11.56
C HIS B 48 30.41 -21.48 -12.08
N ILE B 49 31.11 -21.89 -13.13
CA ILE B 49 31.03 -23.26 -13.63
C ILE B 49 32.44 -23.77 -13.92
N ARG B 50 32.81 -24.89 -13.30
CA ARG B 50 34.15 -25.46 -13.48
C ARG B 50 34.11 -26.69 -14.39
N VAL B 51 35.06 -26.76 -15.31
CA VAL B 51 35.20 -27.91 -16.20
C VAL B 51 36.68 -28.23 -16.43
N GLN B 52 37.07 -29.48 -16.24
CA GLN B 52 38.47 -29.89 -16.45
C GLN B 52 38.56 -31.16 -17.30
N GLY B 53 39.78 -31.68 -17.42
CA GLY B 53 40.03 -32.88 -18.19
C GLY B 53 39.76 -32.71 -19.67
N LEU B 54 39.93 -31.48 -20.17
CA LEU B 54 39.65 -31.17 -21.56
C LEU B 54 40.88 -31.31 -22.44
N GLU B 55 40.82 -32.24 -23.39
CA GLU B 55 41.88 -32.38 -24.38
C GLU B 55 42.14 -31.04 -25.04
N TYR B 56 43.41 -30.78 -25.37
CA TYR B 56 43.78 -29.53 -26.02
C TYR B 56 42.95 -29.30 -27.29
N GLY B 57 42.59 -28.04 -27.52
CA GLY B 57 41.80 -27.69 -28.69
C GLY B 57 40.89 -26.51 -28.44
N GLU B 58 40.16 -26.11 -29.47
CA GLU B 58 39.24 -24.99 -29.35
C GLU B 58 37.85 -25.48 -28.93
N TYR B 59 37.19 -24.69 -28.09
CA TYR B 59 35.86 -25.02 -27.60
C TYR B 59 34.96 -23.79 -27.64
N TYR B 60 33.72 -23.96 -27.19
CA TYR B 60 32.83 -22.82 -26.99
C TYR B 60 31.62 -23.18 -26.13
N PHE B 61 31.18 -22.22 -25.32
CA PHE B 61 29.98 -22.38 -24.51
C PHE B 61 28.78 -21.79 -25.23
N GLN B 62 27.60 -22.33 -24.96
CA GLN B 62 26.37 -21.85 -25.57
C GLN B 62 25.18 -22.03 -24.62
N GLU B 63 24.51 -20.93 -24.29
CA GLU B 63 23.45 -20.95 -23.30
C GLU B 63 22.19 -21.65 -23.81
N THR B 64 21.85 -22.78 -23.17
CA THR B 64 20.67 -23.55 -23.55
C THR B 64 19.44 -23.09 -22.79
N LYS B 65 19.64 -22.64 -21.55
CA LYS B 65 18.54 -22.16 -20.73
C LYS B 65 18.93 -20.88 -19.99
N ALA B 66 18.11 -19.85 -20.14
CA ALA B 66 18.37 -18.56 -19.52
C ALA B 66 18.03 -18.59 -18.03
N PRO B 67 18.75 -17.77 -17.23
CA PRO B 67 18.44 -17.62 -15.81
C PRO B 67 17.17 -16.80 -15.62
N LYS B 68 16.31 -17.19 -14.70
CA LYS B 68 15.00 -16.58 -14.53
C LYS B 68 15.02 -15.06 -14.67
N GLY B 69 14.21 -14.55 -15.60
CA GLY B 69 14.07 -13.12 -15.79
C GLY B 69 14.98 -12.55 -16.86
N TYR B 70 15.88 -13.38 -17.38
CA TYR B 70 16.85 -12.94 -18.38
C TYR B 70 16.59 -13.55 -19.75
N VAL B 71 17.18 -12.97 -20.78
CA VAL B 71 16.96 -13.41 -22.15
C VAL B 71 17.94 -14.50 -22.56
N ILE B 72 17.47 -15.47 -23.33
CA ILE B 72 18.33 -16.53 -23.83
C ILE B 72 19.35 -15.95 -24.82
N ASP B 73 20.58 -16.43 -24.75
CA ASP B 73 21.62 -15.94 -25.63
C ASP B 73 22.33 -17.09 -26.34
N PRO B 74 21.97 -17.32 -27.61
CA PRO B 74 22.56 -18.38 -28.44
C PRO B 74 24.01 -18.10 -28.80
N THR B 75 24.52 -16.92 -28.45
CA THR B 75 25.88 -16.53 -28.76
C THR B 75 26.90 -17.58 -28.29
N LYS B 76 27.86 -17.89 -29.15
CA LYS B 76 28.93 -18.82 -28.81
C LYS B 76 30.06 -18.09 -28.08
N ARG B 77 30.42 -18.58 -26.90
CA ARG B 77 31.53 -18.04 -26.15
C ARG B 77 32.78 -18.87 -26.43
N GLU B 78 33.62 -18.39 -27.34
CA GLU B 78 34.76 -19.16 -27.80
C GLU B 78 35.96 -19.05 -26.86
N PHE B 79 36.75 -20.12 -26.79
CA PHE B 79 37.97 -20.14 -25.98
C PHE B 79 38.86 -21.33 -26.36
N PHE B 80 40.16 -21.17 -26.13
CA PHE B 80 41.12 -22.22 -26.47
C PHE B 80 41.64 -22.94 -25.23
N VAL B 81 42.04 -24.20 -25.41
CA VAL B 81 42.68 -24.98 -24.35
C VAL B 81 44.00 -25.55 -24.87
N LYS B 82 45.11 -24.88 -24.57
CA LYS B 82 46.41 -25.29 -25.07
C LYS B 82 47.43 -25.48 -23.96
N ASN B 83 46.99 -25.25 -22.72
CA ASN B 83 47.87 -25.37 -21.56
C ASN B 83 47.31 -26.32 -20.51
N SER B 84 48.20 -26.85 -19.67
CA SER B 84 47.81 -27.79 -18.63
C SER B 84 47.07 -27.08 -17.50
N GLY B 85 46.20 -27.81 -16.81
CA GLY B 85 45.45 -27.25 -15.70
C GLY B 85 44.38 -28.17 -15.16
N THR B 86 44.02 -27.96 -13.89
CA THR B 86 42.93 -28.71 -13.26
C THR B 86 42.16 -27.82 -12.27
N ILE B 87 40.86 -28.10 -12.11
CA ILE B 87 40.03 -27.39 -11.15
C ILE B 87 38.90 -28.26 -10.63
N ASN B 88 38.64 -28.19 -9.33
CA ASN B 88 37.61 -29.03 -8.70
C ASN B 88 36.24 -28.38 -8.68
N GLU B 89 35.35 -28.94 -7.86
CA GLU B 89 33.98 -28.47 -7.76
C GLU B 89 33.88 -27.02 -7.28
N ASP B 90 34.17 -26.80 -6.00
CA ASP B 90 34.04 -25.49 -5.39
C ASP B 90 35.06 -24.48 -5.91
N GLY B 91 36.11 -24.97 -6.55
CA GLY B 91 37.13 -24.10 -7.12
C GLY B 91 38.21 -23.73 -6.12
N THR B 92 38.35 -24.53 -5.07
CA THR B 92 39.38 -24.31 -4.06
C THR B 92 40.68 -25.02 -4.42
N ILE B 93 40.57 -26.12 -5.16
CA ILE B 93 41.73 -26.86 -5.62
C ILE B 93 42.02 -26.55 -7.09
N THR B 94 43.12 -25.86 -7.34
CA THR B 94 43.47 -25.45 -8.69
C THR B 94 44.96 -25.61 -8.96
N SER B 95 45.30 -25.97 -10.19
CA SER B 95 46.70 -26.09 -10.60
C SER B 95 46.84 -25.81 -12.08
N GLY B 96 48.02 -25.34 -12.48
CA GLY B 96 48.27 -25.02 -13.88
C GLY B 96 47.41 -23.87 -14.34
N THR B 97 47.21 -23.78 -15.66
CA THR B 97 46.50 -22.67 -16.28
C THR B 97 45.02 -22.95 -16.40
N VAL B 98 44.21 -22.13 -15.73
CA VAL B 98 42.76 -22.21 -15.86
C VAL B 98 42.23 -21.05 -16.69
N VAL B 99 41.49 -21.38 -17.76
CA VAL B 99 40.92 -20.35 -18.63
C VAL B 99 39.79 -19.60 -17.93
N LYS B 100 39.90 -18.27 -17.90
CA LYS B 100 38.88 -17.43 -17.29
C LYS B 100 37.92 -16.92 -18.36
N MET B 101 36.63 -17.01 -18.09
CA MET B 101 35.63 -16.59 -19.06
C MET B 101 34.43 -15.91 -18.39
N GLU B 102 34.23 -14.63 -18.71
CA GLU B 102 33.10 -13.87 -18.19
C GLU B 102 32.00 -13.77 -19.23
N VAL B 103 30.75 -13.88 -18.77
CA VAL B 103 29.59 -13.80 -19.66
C VAL B 103 28.48 -13.03 -18.95
N LYS B 104 27.99 -11.98 -19.61
CA LYS B 104 26.93 -11.17 -19.02
C LYS B 104 25.56 -11.48 -19.59
N ASN B 105 24.60 -11.73 -18.71
CA ASN B 105 23.21 -11.96 -19.10
C ASN B 105 22.39 -10.68 -18.96
N ASN B 106 21.38 -10.52 -19.80
CA ASN B 106 20.59 -9.28 -19.83
C ASN B 106 19.12 -9.47 -19.47
N GLU B 107 18.54 -8.47 -18.80
CA GLU B 107 17.15 -8.50 -18.39
C GLU B 107 16.21 -8.54 -19.60
N GLU B 108 15.12 -9.28 -19.48
CA GLU B 108 14.06 -9.24 -20.49
C GLU B 108 12.95 -8.31 -20.02
N PRO B 109 12.44 -7.47 -20.94
CA PRO B 109 11.42 -6.50 -20.57
C PRO B 109 10.28 -7.15 -19.79
N THR B 110 9.77 -6.43 -18.79
CA THR B 110 8.57 -6.85 -18.08
C THR B 110 7.51 -5.78 -18.32
N ILE B 111 6.25 -6.16 -18.19
CA ILE B 111 5.16 -5.20 -18.41
C ILE B 111 4.17 -5.18 -17.25
N ASP B 112 4.00 -4.00 -16.68
CA ASP B 112 3.03 -3.79 -15.62
C ASP B 112 1.96 -2.83 -16.11
N LYS B 113 0.71 -3.11 -15.73
CA LYS B 113 -0.41 -2.25 -16.10
C LYS B 113 -1.23 -1.93 -14.86
N LYS B 114 -1.54 -0.65 -14.68
CA LYS B 114 -2.31 -0.21 -13.53
C LYS B 114 -3.30 0.87 -13.94
N ILE B 115 -4.26 1.14 -13.06
CA ILE B 115 -5.20 2.24 -13.27
C ILE B 115 -4.88 3.35 -12.28
N ASN B 116 -4.78 4.57 -12.78
CA ASN B 116 -4.43 5.71 -11.93
C ASN B 116 -3.18 5.45 -11.09
N GLY B 117 -2.26 4.65 -11.63
CA GLY B 117 -0.96 4.45 -11.02
C GLY B 117 -0.82 3.18 -10.21
N LYS B 118 -1.81 2.90 -9.37
CA LYS B 118 -1.68 1.82 -8.39
C LYS B 118 -2.91 0.93 -8.29
N LEU B 119 -3.93 1.23 -9.07
CA LEU B 119 -5.18 0.47 -9.00
C LEU B 119 -5.25 -0.64 -10.04
N GLU B 120 -5.93 -1.72 -9.69
CA GLU B 120 -6.21 -2.79 -10.64
C GLU B 120 -7.69 -2.79 -10.99
N ALA B 121 -8.49 -2.17 -10.12
CA ALA B 121 -9.93 -2.06 -10.32
C ALA B 121 -10.41 -0.67 -9.96
N LEU B 122 -11.27 -0.10 -10.79
CA LEU B 122 -11.77 1.25 -10.52
C LEU B 122 -13.23 1.42 -10.91
N PRO B 123 -14.12 1.48 -9.91
CA PRO B 123 -15.51 1.90 -10.17
C PRO B 123 -15.50 3.39 -10.49
N ILE B 124 -16.15 3.77 -11.58
CA ILE B 124 -16.09 5.17 -12.00
C ILE B 124 -17.33 5.59 -12.79
N ASN B 125 -17.71 6.85 -12.68
CA ASN B 125 -18.81 7.39 -13.46
C ASN B 125 -18.43 7.41 -14.93
N PRO B 126 -19.42 7.24 -15.81
CA PRO B 126 -19.15 7.39 -17.25
C PRO B 126 -18.66 8.79 -17.55
N LEU B 127 -17.91 8.95 -18.64
CA LEU B 127 -17.42 10.24 -19.08
C LEU B 127 -16.53 10.93 -18.05
N THR B 128 -15.94 10.14 -17.15
CA THR B 128 -15.03 10.68 -16.16
C THR B 128 -13.61 10.19 -16.45
N ASN B 129 -12.65 11.12 -16.48
CA ASN B 129 -11.27 10.79 -16.82
C ASN B 129 -10.58 9.87 -15.82
N TYR B 130 -9.93 8.84 -16.34
CA TYR B 130 -9.03 8.01 -15.54
C TYR B 130 -7.86 7.63 -16.43
N ASN B 131 -6.81 7.08 -15.81
CA ASN B 131 -5.58 6.76 -16.54
C ASN B 131 -5.20 5.29 -16.52
N TYR B 132 -4.87 4.75 -17.69
CA TYR B 132 -4.16 3.48 -17.75
C TYR B 132 -2.67 3.79 -17.70
N ASP B 133 -1.99 3.26 -16.69
CA ASP B 133 -0.56 3.47 -16.53
C ASP B 133 0.21 2.19 -16.82
N ILE B 134 0.93 2.18 -17.95
CA ILE B 134 1.69 1.02 -18.36
C ILE B 134 3.19 1.28 -18.24
N LYS B 135 3.84 0.52 -17.37
CA LYS B 135 5.27 0.68 -17.15
C LYS B 135 6.02 -0.60 -17.49
N THR B 136 6.97 -0.50 -18.40
CA THR B 136 7.78 -1.65 -18.79
C THR B 136 9.21 -1.47 -18.33
N LEU B 137 9.98 -2.55 -18.39
CA LEU B 137 11.37 -2.53 -17.94
C LEU B 137 12.32 -2.29 -19.10
N ILE B 138 13.22 -1.33 -18.93
CA ILE B 138 14.25 -1.05 -19.92
C ILE B 138 15.57 -1.72 -19.54
N PRO B 139 16.00 -2.71 -20.34
CA PRO B 139 17.21 -3.50 -20.06
C PRO B 139 18.49 -2.66 -20.07
N GLU B 140 19.61 -3.27 -19.72
CA GLU B 140 20.88 -2.57 -19.70
C GLU B 140 21.48 -2.42 -21.11
N ASP B 141 21.08 -3.32 -22.01
CA ASP B 141 21.58 -3.29 -23.38
C ASP B 141 20.58 -2.66 -24.35
N ILE B 142 19.68 -1.83 -23.81
CA ILE B 142 18.62 -1.22 -24.62
C ILE B 142 19.17 -0.43 -25.80
N LYS B 143 20.38 0.11 -25.64
CA LYS B 143 20.98 0.93 -26.68
C LYS B 143 21.08 0.20 -28.02
N GLU B 144 21.20 -1.13 -27.96
CA GLU B 144 21.42 -1.91 -29.16
C GLU B 144 20.20 -2.75 -29.59
N TYR B 145 19.07 -2.51 -28.93
CA TYR B 145 17.81 -3.17 -29.32
C TYR B 145 17.37 -2.73 -30.71
N LYS B 146 16.60 -3.58 -31.38
CA LYS B 146 16.06 -3.26 -32.70
C LYS B 146 14.61 -2.82 -32.62
N LYS B 147 13.78 -3.63 -31.97
CA LYS B 147 12.37 -3.28 -31.79
C LYS B 147 11.99 -3.23 -30.32
N TYR B 148 11.31 -2.16 -29.92
CA TYR B 148 10.82 -2.01 -28.57
C TYR B 148 9.49 -1.28 -28.59
N VAL B 149 8.41 -2.04 -28.67
CA VAL B 149 7.10 -1.45 -28.88
C VAL B 149 6.08 -1.86 -27.82
N VAL B 150 5.50 -0.88 -27.15
CA VAL B 150 4.45 -1.11 -26.16
C VAL B 150 3.11 -0.71 -26.76
N THR B 151 2.13 -1.61 -26.68
CA THR B 151 0.83 -1.37 -27.31
C THR B 151 -0.34 -1.78 -26.42
N ALA B 152 -1.50 -1.18 -26.67
CA ALA B 152 -2.72 -1.51 -25.93
C ALA B 152 -3.96 -1.19 -26.75
N THR B 153 -4.87 -2.16 -26.86
CA THR B 153 -6.13 -1.95 -27.56
C THR B 153 -7.30 -1.90 -26.58
N LEU B 154 -7.78 -0.69 -26.33
CA LEU B 154 -8.87 -0.47 -25.37
C LEU B 154 -10.21 -1.08 -25.79
N ASP B 155 -11.00 -1.45 -24.80
CA ASP B 155 -12.33 -2.01 -25.02
C ASP B 155 -13.21 -1.00 -25.74
N ASN B 156 -14.11 -1.49 -26.59
CA ASN B 156 -14.96 -0.62 -27.40
C ASN B 156 -15.84 0.31 -26.58
N ARG B 157 -16.06 -0.02 -25.31
CA ARG B 157 -16.94 0.77 -24.44
C ARG B 157 -16.19 1.95 -23.84
N LEU B 158 -14.98 2.18 -24.30
CA LEU B 158 -14.14 3.25 -23.77
C LEU B 158 -13.74 4.24 -24.86
N VAL B 159 -13.43 5.46 -24.47
CA VAL B 159 -13.00 6.49 -25.41
C VAL B 159 -11.66 7.08 -24.98
N ILE B 160 -10.67 6.99 -25.86
CA ILE B 160 -9.34 7.53 -25.56
C ILE B 160 -9.38 9.05 -25.52
N GLN B 161 -8.83 9.62 -24.46
CA GLN B 161 -8.83 11.07 -24.26
C GLN B 161 -7.49 11.71 -24.63
N GLY B 162 -7.49 12.51 -25.69
CA GLY B 162 -6.31 13.24 -26.10
C GLY B 162 -5.21 12.36 -26.66
N LYS B 163 -3.96 12.77 -26.45
CA LYS B 163 -2.82 12.02 -26.96
C LYS B 163 -2.01 11.41 -25.83
N PRO B 164 -1.85 10.08 -25.85
CA PRO B 164 -1.10 9.34 -24.83
C PRO B 164 0.33 9.86 -24.66
N ILE B 165 0.82 9.84 -23.44
CA ILE B 165 2.15 10.38 -23.13
C ILE B 165 3.13 9.27 -22.78
N VAL B 166 4.35 9.36 -23.28
CA VAL B 166 5.41 8.44 -22.92
C VAL B 166 6.48 9.12 -22.08
N LYS B 167 6.77 8.55 -20.91
CA LYS B 167 7.79 9.09 -20.02
C LYS B 167 8.90 8.08 -19.76
N ILE B 168 10.13 8.48 -20.08
CA ILE B 168 11.29 7.65 -19.80
C ILE B 168 11.95 8.14 -18.51
N ASP B 169 11.89 7.30 -17.47
CA ASP B 169 12.37 7.68 -16.14
C ASP B 169 11.64 8.91 -15.61
N GLY B 170 10.33 8.95 -15.82
CA GLY B 170 9.50 10.03 -15.31
C GLY B 170 9.70 11.34 -16.04
N ALA B 171 10.33 11.28 -17.21
CA ALA B 171 10.56 12.47 -18.02
C ALA B 171 9.89 12.35 -19.38
N GLU B 172 8.99 13.28 -19.68
CA GLU B 172 8.29 13.27 -20.96
C GLU B 172 9.29 13.40 -22.11
N VAL B 173 9.21 12.48 -23.06
CA VAL B 173 10.17 12.46 -24.17
C VAL B 173 9.56 12.86 -25.51
N ASN B 174 10.44 13.24 -26.43
CA ASN B 174 10.06 13.71 -27.76
C ASN B 174 9.54 12.56 -28.63
N ALA B 175 8.77 12.90 -29.65
CA ALA B 175 8.32 11.91 -30.61
C ALA B 175 9.51 11.37 -31.39
N ASN B 176 10.61 12.11 -31.35
CA ASN B 176 11.84 11.70 -32.02
C ASN B 176 12.48 10.49 -31.37
N VAL B 177 12.29 10.38 -30.05
CA VAL B 177 12.83 9.25 -29.30
C VAL B 177 11.79 8.16 -29.09
N VAL B 178 10.52 8.54 -29.03
CA VAL B 178 9.42 7.58 -28.92
C VAL B 178 8.18 8.05 -29.67
N GLU B 179 7.95 7.47 -30.84
CA GLU B 179 6.78 7.80 -31.65
C GLU B 179 5.50 7.25 -31.01
N VAL B 180 4.50 8.11 -30.87
CA VAL B 180 3.22 7.71 -30.28
C VAL B 180 2.10 7.70 -31.32
N ALA B 181 1.80 6.52 -31.85
CA ALA B 181 0.75 6.36 -32.84
C ALA B 181 -0.56 5.92 -32.19
N ILE B 182 -1.66 6.16 -32.88
CA ILE B 182 -2.97 5.76 -32.36
C ILE B 182 -3.97 5.60 -33.49
N GLU B 183 -4.41 4.36 -33.70
CA GLU B 183 -5.39 4.06 -34.75
C GLU B 183 -6.63 3.39 -34.18
N GLY B 184 -7.64 4.20 -33.85
CA GLY B 184 -8.86 3.70 -33.27
C GLY B 184 -8.73 3.46 -31.78
N GLN B 185 -8.90 2.22 -31.36
CA GLN B 185 -8.77 1.85 -29.95
C GLN B 185 -7.34 1.38 -29.65
N LYS B 186 -6.53 1.25 -30.69
CA LYS B 186 -5.17 0.73 -30.56
C LYS B 186 -4.13 1.83 -30.44
N VAL B 187 -3.55 1.95 -29.26
CA VAL B 187 -2.43 2.88 -29.05
C VAL B 187 -1.12 2.12 -29.21
N THR B 188 -0.20 2.68 -30.00
CA THR B 188 1.11 2.08 -30.20
C THR B 188 2.23 3.08 -29.93
N ALA B 189 3.14 2.71 -29.03
CA ALA B 189 4.30 3.54 -28.71
C ALA B 189 5.59 2.81 -29.08
N THR B 190 6.32 3.36 -30.05
CA THR B 190 7.52 2.71 -30.55
C THR B 190 8.77 3.55 -30.27
N VAL B 191 9.84 2.89 -29.87
CA VAL B 191 11.12 3.57 -29.64
C VAL B 191 11.81 3.83 -30.98
N LYS B 192 12.15 5.08 -31.24
CA LYS B 192 12.83 5.45 -32.47
C LYS B 192 14.33 5.63 -32.25
N ASP B 193 14.72 6.10 -31.07
CA ASP B 193 16.13 6.34 -30.75
C ASP B 193 16.54 5.64 -29.46
N PHE B 194 17.12 4.46 -29.60
CA PHE B 194 17.49 3.64 -28.45
C PHE B 194 18.64 4.25 -27.66
N THR B 195 19.38 5.16 -28.28
CA THR B 195 20.51 5.80 -27.63
C THR B 195 20.06 6.58 -26.40
N LYS B 196 18.96 7.32 -26.53
CA LYS B 196 18.43 8.11 -25.43
C LYS B 196 17.80 7.22 -24.35
N MET B 197 17.72 5.93 -24.64
CA MET B 197 17.20 4.96 -23.68
C MET B 197 18.32 4.45 -22.78
N ASP B 198 19.55 4.54 -23.27
CA ASP B 198 20.73 4.04 -22.56
C ASP B 198 20.83 4.59 -21.13
N GLY B 199 20.95 3.69 -20.16
CA GLY B 199 21.08 4.07 -18.77
C GLY B 199 19.76 4.05 -18.02
N LYS B 200 18.68 4.33 -18.73
CA LYS B 200 17.35 4.40 -18.12
C LYS B 200 16.84 3.01 -17.75
N LYS B 201 15.74 2.96 -17.00
CA LYS B 201 15.20 1.68 -16.54
C LYS B 201 13.67 1.55 -16.64
N GLU B 202 12.96 2.66 -16.82
CA GLU B 202 11.51 2.61 -16.89
C GLU B 202 10.91 3.28 -18.12
N PHE B 203 10.01 2.57 -18.78
CA PHE B 203 9.24 3.10 -19.89
C PHE B 203 7.79 3.22 -19.45
N HIS B 204 7.29 4.44 -19.40
CA HIS B 204 5.94 4.69 -18.88
C HIS B 204 5.01 5.22 -19.97
N LEU B 205 4.03 4.41 -20.36
CA LEU B 205 3.02 4.82 -21.32
C LEU B 205 1.71 5.09 -20.61
N GLN B 206 1.26 6.34 -20.67
CA GLN B 206 0.03 6.73 -20.00
C GLN B 206 -1.06 7.02 -21.02
N ILE B 207 -2.22 6.39 -20.82
CA ILE B 207 -3.38 6.59 -21.68
C ILE B 207 -4.57 7.04 -20.85
N LYS B 208 -5.10 8.22 -21.15
CA LYS B 208 -6.30 8.70 -20.49
C LYS B 208 -7.53 8.15 -21.20
N SER B 209 -8.55 7.79 -20.42
CA SER B 209 -9.72 7.12 -20.97
C SER B 209 -10.99 7.58 -20.26
N GLN B 210 -12.12 7.27 -20.88
CA GLN B 210 -13.43 7.49 -20.27
C GLN B 210 -14.36 6.35 -20.64
N VAL B 211 -15.18 5.91 -19.69
CA VAL B 211 -16.20 4.92 -19.98
C VAL B 211 -17.40 5.58 -20.62
N LYS B 212 -17.96 4.94 -21.65
CA LYS B 212 -19.13 5.49 -22.35
C LYS B 212 -20.39 5.41 -21.50
N GLU B 213 -21.41 6.14 -21.92
CA GLU B 213 -22.74 6.00 -21.34
C GLU B 213 -23.42 4.81 -22.01
N GLY B 214 -24.53 4.35 -21.43
CA GLY B 214 -25.29 3.28 -22.03
C GLY B 214 -24.77 1.90 -21.69
N VAL B 215 -23.74 1.84 -20.87
CA VAL B 215 -23.21 0.57 -20.40
C VAL B 215 -23.69 0.29 -18.97
N PRO B 216 -24.31 -0.88 -18.77
CA PRO B 216 -24.92 -1.27 -17.50
C PRO B 216 -24.00 -1.07 -16.30
N SER B 217 -24.53 -0.53 -15.22
CA SER B 217 -23.76 -0.35 -13.99
C SER B 217 -23.26 -1.69 -13.49
N GLY B 218 -21.99 -1.74 -13.06
CA GLY B 218 -21.41 -2.96 -12.52
C GLY B 218 -20.70 -3.79 -13.56
N SER B 219 -20.80 -3.40 -14.82
CA SER B 219 -20.13 -4.12 -15.89
C SER B 219 -18.61 -4.06 -15.70
N GLU B 220 -17.97 -5.22 -15.69
CA GLU B 220 -16.52 -5.29 -15.59
C GLU B 220 -15.90 -5.18 -16.98
N ILE B 221 -15.18 -4.10 -17.22
CA ILE B 221 -14.52 -3.90 -18.50
C ILE B 221 -13.02 -4.19 -18.38
N LEU B 222 -12.60 -5.35 -18.87
CA LEU B 222 -11.21 -5.78 -18.77
C LEU B 222 -10.37 -5.16 -19.87
N ASN B 223 -9.11 -4.89 -19.86
CA ASN B 223 -8.01 -4.55 -20.74
C ASN B 223 -6.67 -4.95 -20.13
N THR B 224 -5.93 -5.29 -21.12
CA THR B 224 -4.53 -5.60 -20.89
C THR B 224 -3.67 -4.76 -21.84
N ALA B 225 -2.36 -4.97 -21.76
CA ALA B 225 -1.42 -4.32 -22.66
C ALA B 225 -0.27 -5.27 -22.94
N LYS B 226 0.36 -5.13 -24.10
CA LYS B 226 1.45 -6.01 -24.48
C LYS B 226 2.73 -5.24 -24.87
N ILE B 227 3.84 -5.94 -24.84
CA ILE B 227 5.10 -5.36 -25.25
C ILE B 227 5.80 -6.29 -26.23
N HIS B 228 6.16 -5.75 -27.39
CA HIS B 228 6.92 -6.51 -28.38
C HIS B 228 8.34 -5.98 -28.42
N PHE B 229 9.30 -6.88 -28.35
CA PHE B 229 10.70 -6.46 -28.34
C PHE B 229 11.56 -7.34 -29.23
N THR B 230 12.67 -6.77 -29.68
CA THR B 230 13.67 -7.48 -30.46
C THR B 230 15.04 -6.96 -30.06
N ASN B 231 15.86 -7.83 -29.46
CA ASN B 231 17.19 -7.43 -29.03
C ASN B 231 18.20 -7.41 -30.18
N LYS B 232 19.48 -7.35 -29.83
CA LYS B 232 20.55 -7.29 -30.81
C LYS B 232 20.77 -8.62 -31.52
N ASN B 233 20.36 -9.71 -30.88
CA ASN B 233 20.56 -11.05 -31.44
C ASN B 233 19.34 -11.60 -32.17
N ASP B 234 18.47 -10.71 -32.65
CA ASP B 234 17.29 -11.11 -33.38
C ASP B 234 16.38 -12.01 -32.54
N VAL B 235 16.50 -11.89 -31.22
CA VAL B 235 15.61 -12.58 -30.31
C VAL B 235 14.34 -11.77 -30.13
N ILE B 236 13.21 -12.33 -30.53
CA ILE B 236 11.94 -11.62 -30.45
C ILE B 236 11.07 -12.19 -29.33
N GLY B 237 10.49 -11.29 -28.53
CA GLY B 237 9.68 -11.69 -27.40
C GLY B 237 8.42 -10.86 -27.27
N GLU B 238 7.60 -11.20 -26.29
CA GLU B 238 6.31 -10.53 -26.10
C GLU B 238 5.68 -10.93 -24.77
N LYS B 239 5.31 -9.92 -23.98
CA LYS B 239 4.68 -10.16 -22.69
C LYS B 239 3.36 -9.42 -22.56
N GLU B 240 2.39 -10.03 -21.90
CA GLU B 240 1.09 -9.40 -21.68
C GLU B 240 0.89 -9.12 -20.20
N SER B 241 0.32 -7.96 -19.89
CA SER B 241 0.09 -7.55 -18.51
C SER B 241 -1.11 -8.29 -17.93
N LYS B 242 -1.22 -8.28 -16.61
CA LYS B 242 -2.42 -8.76 -15.97
C LYS B 242 -3.54 -7.80 -16.30
N PRO B 243 -4.77 -8.31 -16.46
CA PRO B 243 -5.90 -7.45 -16.82
C PRO B 243 -6.33 -6.57 -15.66
N VAL B 244 -6.51 -5.28 -15.93
CA VAL B 244 -7.12 -4.36 -14.97
C VAL B 244 -8.56 -4.13 -15.38
N VAL B 245 -9.42 -3.80 -14.42
CA VAL B 245 -10.83 -3.63 -14.71
C VAL B 245 -11.33 -2.25 -14.34
N VAL B 246 -12.14 -1.68 -15.21
CA VAL B 246 -12.82 -0.42 -14.93
C VAL B 246 -14.31 -0.70 -14.94
N ILE B 247 -15.04 -0.11 -13.99
CA ILE B 247 -16.44 -0.44 -13.80
C ILE B 247 -17.29 0.82 -13.68
N PRO B 248 -18.23 1.02 -14.63
CA PRO B 248 -19.14 2.17 -14.64
C PRO B 248 -20.08 2.18 -13.44
N THR B 249 -20.31 3.37 -12.87
CA THR B 249 -21.18 3.50 -11.71
C THR B 249 -22.36 4.42 -12.03
N THR B 250 -23.56 3.86 -11.98
CA THR B 250 -24.79 4.62 -12.16
C THR B 250 -25.89 4.04 -11.30
N GLY B 251 -26.86 4.87 -10.94
CA GLY B 251 -27.97 4.45 -10.11
C GLY B 251 -29.33 4.86 -10.66
N ILE B 252 -30.37 4.57 -9.90
CA ILE B 252 -31.73 4.84 -10.32
C ILE B 252 -32.45 5.73 -9.31
N ILE B 253 -33.18 6.72 -9.81
CA ILE B 253 -34.02 7.55 -8.98
C ILE B 253 -35.49 7.38 -9.38
N GLU B 254 -36.29 6.82 -8.48
CA GLU B 254 -37.72 6.65 -8.74
C GLU B 254 -38.56 7.50 -7.80
N LEU B 255 -39.26 8.48 -8.38
CA LEU B 255 -40.13 9.35 -7.61
C LEU B 255 -41.59 8.92 -7.72
N THR B 256 -42.32 9.06 -6.62
CA THR B 256 -43.75 8.80 -6.60
C THR B 256 -44.50 9.98 -6.00
N LYS B 257 -45.42 10.54 -6.78
CA LYS B 257 -46.17 11.72 -6.37
C LYS B 257 -47.54 11.35 -5.77
N ILE B 258 -47.83 11.87 -4.59
CA ILE B 258 -49.10 11.60 -3.92
C ILE B 258 -49.72 12.86 -3.30
N ASP B 259 -50.92 12.70 -2.77
CA ASP B 259 -51.65 13.80 -2.12
C ASP B 259 -51.41 13.79 -0.62
N SER B 260 -51.06 14.95 -0.07
CA SER B 260 -50.75 15.07 1.36
C SER B 260 -51.77 14.35 2.24
N ALA B 261 -53.03 14.76 2.13
CA ALA B 261 -54.08 14.21 2.99
C ALA B 261 -54.76 12.99 2.37
N ASN B 262 -54.88 12.98 1.05
CA ASN B 262 -55.60 11.92 0.35
C ASN B 262 -54.76 10.68 0.08
N LYS B 263 -53.48 10.89 -0.24
CA LYS B 263 -52.56 9.79 -0.51
C LYS B 263 -52.89 9.04 -1.80
N ASN B 264 -53.15 9.77 -2.88
CA ASN B 264 -53.41 9.15 -4.18
C ASN B 264 -52.36 9.51 -5.23
N LYS B 265 -52.19 8.62 -6.21
CA LYS B 265 -51.18 8.82 -7.24
C LYS B 265 -51.59 9.92 -8.22
N MET B 266 -50.81 10.99 -8.24
CA MET B 266 -51.09 12.12 -9.13
C MET B 266 -50.36 11.97 -10.47
N LYS B 267 -50.93 12.53 -11.52
CA LYS B 267 -50.32 12.50 -12.84
C LYS B 267 -50.05 13.90 -13.35
N GLY B 268 -48.97 14.06 -14.12
CA GLY B 268 -48.67 15.33 -14.75
C GLY B 268 -47.68 16.22 -14.00
N ALA B 269 -47.30 15.80 -12.80
CA ALA B 269 -46.28 16.51 -12.03
C ALA B 269 -44.95 16.48 -12.75
N GLU B 270 -44.33 17.64 -12.94
CA GLU B 270 -43.06 17.73 -13.65
C GLU B 270 -41.90 18.00 -12.69
N PHE B 271 -40.79 17.28 -12.88
CA PHE B 271 -39.61 17.44 -12.04
C PHE B 271 -38.34 17.52 -12.89
N VAL B 272 -37.28 18.07 -12.31
CA VAL B 272 -35.99 18.15 -12.98
C VAL B 272 -34.87 17.81 -11.99
N LEU B 273 -33.81 17.18 -12.49
CA LEU B 273 -32.68 16.80 -11.65
C LEU B 273 -31.46 17.71 -11.89
N LYS B 274 -31.01 18.37 -10.84
CA LYS B 274 -29.82 19.22 -10.90
C LYS B 274 -28.71 18.66 -10.01
N ASP B 275 -27.47 19.08 -10.27
CA ASP B 275 -26.37 18.67 -9.42
C ASP B 275 -26.16 19.66 -8.27
N ASN B 276 -25.05 19.52 -7.56
CA ASN B 276 -24.76 20.39 -6.43
C ASN B 276 -24.45 21.83 -6.83
N ASN B 277 -24.29 22.06 -8.12
CA ASN B 277 -24.01 23.41 -8.64
C ASN B 277 -25.21 24.06 -9.33
N GLY B 278 -26.35 23.35 -9.33
CA GLY B 278 -27.56 23.88 -9.92
C GLY B 278 -27.64 23.66 -11.41
N LYS B 279 -26.69 22.91 -11.96
CA LYS B 279 -26.68 22.60 -13.38
C LYS B 279 -27.59 21.41 -13.65
N ILE B 280 -28.49 21.57 -14.61
CA ILE B 280 -29.39 20.48 -14.99
C ILE B 280 -28.57 19.27 -15.45
N VAL B 281 -28.83 18.13 -14.83
CA VAL B 281 -28.15 16.90 -15.17
C VAL B 281 -28.51 16.45 -16.58
N VAL B 282 -27.51 16.11 -17.37
CA VAL B 282 -27.73 15.61 -18.72
C VAL B 282 -27.16 14.21 -18.89
N VAL B 283 -28.00 13.30 -19.37
CA VAL B 283 -27.57 11.94 -19.66
C VAL B 283 -27.88 11.60 -21.12
N ALA B 284 -26.84 11.29 -21.88
CA ALA B 284 -26.98 10.98 -23.30
C ALA B 284 -27.62 12.12 -24.07
N GLY B 285 -27.12 13.33 -23.84
CA GLY B 285 -27.56 14.51 -24.58
C GLY B 285 -28.91 15.06 -24.17
N LYS B 286 -29.68 14.26 -23.43
CA LYS B 286 -31.01 14.68 -23.00
C LYS B 286 -31.03 15.04 -21.51
N GLU B 287 -31.52 16.24 -21.20
CA GLU B 287 -31.64 16.69 -19.82
C GLU B 287 -32.48 15.71 -19.02
N VAL B 288 -32.25 15.67 -17.72
CA VAL B 288 -32.99 14.76 -16.84
C VAL B 288 -34.25 15.41 -16.29
N THR B 289 -35.34 15.32 -17.05
CA THR B 289 -36.64 15.79 -16.62
C THR B 289 -37.65 14.66 -16.70
N GLY B 290 -38.72 14.75 -15.95
CA GLY B 290 -39.73 13.71 -15.94
C GLY B 290 -41.13 14.26 -15.74
N VAL B 291 -42.12 13.48 -16.18
CA VAL B 291 -43.52 13.84 -15.99
C VAL B 291 -44.24 12.71 -15.28
N SER B 292 -44.68 12.96 -14.06
CA SER B 292 -45.44 11.98 -13.30
C SER B 292 -46.46 11.28 -14.19
N ASP B 293 -46.38 9.96 -14.27
CA ASP B 293 -47.26 9.19 -15.13
C ASP B 293 -48.55 8.79 -14.41
N GLU B 294 -49.29 7.86 -15.00
CA GLU B 294 -50.58 7.41 -14.46
C GLU B 294 -50.46 6.96 -13.01
N ASN B 295 -49.36 6.29 -12.67
CA ASN B 295 -49.14 5.80 -11.32
C ASN B 295 -48.43 6.81 -10.44
N GLY B 296 -48.15 7.99 -11.00
CA GLY B 296 -47.47 9.04 -10.27
C GLY B 296 -45.99 8.72 -10.10
N VAL B 297 -45.40 8.08 -11.10
CA VAL B 297 -44.02 7.63 -11.01
C VAL B 297 -43.11 8.28 -12.05
N ILE B 298 -41.95 8.72 -11.59
CA ILE B 298 -40.89 9.16 -12.48
C ILE B 298 -39.65 8.33 -12.22
N LYS B 299 -39.28 7.48 -13.17
CA LYS B 299 -38.10 6.64 -13.02
C LYS B 299 -36.93 7.13 -13.87
N TRP B 300 -35.91 7.64 -13.19
CA TRP B 300 -34.69 8.08 -13.87
C TRP B 300 -33.60 7.02 -13.74
N SER B 301 -33.04 6.60 -14.87
CA SER B 301 -32.02 5.56 -14.88
C SER B 301 -30.69 6.09 -15.39
N ASN B 302 -29.63 5.33 -15.12
CA ASN B 302 -28.29 5.69 -15.58
C ASN B 302 -27.83 7.04 -15.03
N ILE B 303 -28.14 7.28 -13.76
CA ILE B 303 -27.68 8.49 -13.10
C ILE B 303 -26.35 8.21 -12.41
N PRO B 304 -25.31 8.95 -12.78
CA PRO B 304 -23.98 8.75 -12.17
C PRO B 304 -24.03 8.90 -10.65
N TYR B 305 -23.12 8.23 -9.95
CA TYR B 305 -23.01 8.41 -8.51
C TYR B 305 -22.73 9.88 -8.22
N GLY B 306 -23.31 10.39 -7.13
CA GLY B 306 -23.09 11.78 -6.76
C GLY B 306 -24.21 12.35 -5.91
N ASP B 307 -24.14 13.65 -5.65
CA ASP B 307 -25.17 14.36 -4.91
C ASP B 307 -25.99 15.21 -5.87
N TYR B 308 -27.30 15.16 -5.73
CA TYR B 308 -28.19 15.90 -6.62
C TYR B 308 -29.32 16.59 -5.86
N GLN B 309 -30.05 17.44 -6.58
CA GLN B 309 -31.26 18.05 -6.05
C GLN B 309 -32.41 17.88 -7.03
N ILE B 310 -33.58 17.51 -6.52
CA ILE B 310 -34.77 17.38 -7.35
C ILE B 310 -35.68 18.58 -7.18
N PHE B 311 -35.96 19.27 -8.28
CA PHE B 311 -36.85 20.42 -8.27
C PHE B 311 -38.14 20.09 -9.00
N GLU B 312 -39.27 20.52 -8.45
CA GLU B 312 -40.54 20.44 -9.17
C GLU B 312 -40.68 21.66 -10.06
N THR B 313 -40.92 21.42 -11.35
CA THR B 313 -41.00 22.51 -12.32
C THR B 313 -42.43 22.87 -12.69
N LYS B 314 -43.37 22.00 -12.33
CA LYS B 314 -44.77 22.22 -12.68
C LYS B 314 -45.68 21.32 -11.84
N ALA B 315 -46.48 21.96 -10.99
CA ALA B 315 -47.38 21.23 -10.10
C ALA B 315 -48.43 20.43 -10.86
N PRO B 316 -48.91 19.34 -10.25
CA PRO B 316 -50.01 18.55 -10.82
C PRO B 316 -51.29 19.38 -10.86
N THR B 317 -52.25 18.98 -11.68
CA THR B 317 -53.51 19.71 -11.78
C THR B 317 -54.71 18.80 -11.53
N TYR B 318 -55.87 19.41 -11.32
CA TYR B 318 -57.12 18.70 -11.14
C TYR B 318 -58.29 19.59 -11.51
N THR B 319 -59.49 19.01 -11.55
CA THR B 319 -60.67 19.74 -11.98
C THR B 319 -61.61 20.02 -10.81
N LYS B 320 -61.98 21.30 -10.65
CA LYS B 320 -62.87 21.71 -9.57
C LYS B 320 -64.33 21.40 -9.88
N GLU B 321 -65.23 22.03 -9.12
CA GLU B 321 -66.66 21.79 -9.24
C GLU B 321 -67.26 22.56 -10.41
N ASP B 322 -66.66 23.70 -10.73
CA ASP B 322 -67.14 24.53 -11.83
C ASP B 322 -66.45 24.19 -13.15
N GLY B 323 -65.48 23.29 -13.09
CA GLY B 323 -64.78 22.84 -14.28
C GLY B 323 -63.49 23.58 -14.56
N THR B 324 -62.99 24.27 -13.55
CA THR B 324 -61.74 25.01 -13.69
C THR B 324 -60.52 24.18 -13.27
N LYS B 325 -59.57 24.03 -14.19
CA LYS B 325 -58.33 23.37 -13.86
C LYS B 325 -57.64 24.09 -12.72
N THR B 326 -57.02 23.34 -11.81
CA THR B 326 -56.37 23.93 -10.66
C THR B 326 -55.06 23.25 -10.32
N SER B 327 -54.02 24.04 -10.14
CA SER B 327 -52.71 23.53 -9.78
C SER B 327 -52.61 23.31 -8.28
N TYR B 328 -51.98 22.21 -7.87
CA TYR B 328 -51.62 22.01 -6.47
C TYR B 328 -50.57 23.05 -6.09
N GLN B 329 -50.29 23.15 -4.79
CA GLN B 329 -49.23 24.04 -4.33
C GLN B 329 -47.89 23.52 -4.82
N LEU B 330 -47.02 24.42 -5.28
CA LEU B 330 -45.69 24.02 -5.71
C LEU B 330 -44.77 23.87 -4.50
N LEU B 331 -43.87 22.89 -4.57
CA LEU B 331 -42.95 22.61 -3.47
C LEU B 331 -41.97 23.74 -3.21
N LYS B 332 -41.82 24.08 -1.93
CA LYS B 332 -40.94 25.16 -1.52
C LYS B 332 -39.49 24.87 -1.88
N ASP B 333 -38.91 23.88 -1.22
CA ASP B 333 -37.48 23.60 -1.36
C ASP B 333 -37.23 22.33 -2.16
N PRO B 334 -36.01 22.21 -2.72
CA PRO B 334 -35.63 21.00 -3.48
C PRO B 334 -35.43 19.79 -2.58
N ILE B 335 -35.35 18.62 -3.19
CA ILE B 335 -35.17 17.38 -2.45
C ILE B 335 -33.77 16.82 -2.66
N ASP B 336 -33.01 16.71 -1.57
CA ASP B 336 -31.64 16.21 -1.62
C ASP B 336 -31.62 14.70 -1.82
N VAL B 337 -30.85 14.24 -2.79
CA VAL B 337 -30.71 12.82 -3.08
C VAL B 337 -29.27 12.47 -3.40
N LYS B 338 -28.78 11.38 -2.81
CA LYS B 338 -27.42 10.93 -3.03
C LYS B 338 -27.40 9.51 -3.60
N ILE B 339 -26.81 9.37 -4.78
CA ILE B 339 -26.61 8.06 -5.39
C ILE B 339 -25.18 7.58 -5.13
N SER B 340 -25.05 6.41 -4.51
CA SER B 340 -23.72 5.85 -4.24
C SER B 340 -23.79 4.33 -4.20
N GLU B 341 -22.66 3.71 -3.88
CA GLU B 341 -22.58 2.25 -3.83
C GLU B 341 -23.54 1.69 -2.80
N ASN B 342 -23.73 2.41 -1.69
CA ASN B 342 -24.65 1.97 -0.65
C ASN B 342 -26.11 2.21 -1.02
N ASN B 343 -26.33 3.23 -1.85
CA ASN B 343 -27.68 3.57 -2.30
C ASN B 343 -27.71 3.70 -3.81
N GLN B 344 -27.77 2.57 -4.50
CA GLN B 344 -27.72 2.56 -5.96
C GLN B 344 -29.08 2.84 -6.58
N THR B 345 -30.13 2.59 -5.82
CA THR B 345 -31.49 2.91 -6.26
C THR B 345 -32.25 3.62 -5.15
N VAL B 346 -32.54 4.90 -5.37
CA VAL B 346 -33.23 5.72 -4.39
C VAL B 346 -34.69 5.93 -4.78
N LYS B 347 -35.60 5.42 -3.94
CA LYS B 347 -37.03 5.59 -4.18
C LYS B 347 -37.62 6.59 -3.19
N LEU B 348 -38.33 7.58 -3.71
CA LEU B 348 -38.87 8.66 -2.90
C LEU B 348 -40.36 8.83 -3.10
N THR B 349 -41.08 9.12 -2.02
CA THR B 349 -42.49 9.47 -2.09
C THR B 349 -42.67 10.95 -1.73
N ILE B 350 -43.23 11.71 -2.68
CA ILE B 350 -43.35 13.15 -2.51
C ILE B 350 -44.81 13.57 -2.34
N GLU B 351 -45.10 14.20 -1.21
CA GLU B 351 -46.46 14.68 -0.93
C GLU B 351 -46.64 16.12 -1.38
N ASN B 352 -47.79 16.39 -2.00
CA ASN B 352 -48.13 17.74 -2.45
C ASN B 352 -49.43 18.24 -1.84
N ASN B 353 -49.54 19.56 -1.68
CA ASN B 353 -50.71 20.17 -1.04
C ASN B 353 -51.59 20.93 -2.02
N LYS B 354 -52.75 21.39 -1.54
CA LYS B 354 -53.65 22.19 -2.35
C LYS B 354 -53.63 23.66 -1.91
#